data_8UYR
#
_entry.id   8UYR
#
_cell.length_a   63.744
_cell.length_b   92.693
_cell.length_c   145.122
_cell.angle_alpha   90.000
_cell.angle_beta   99.944
_cell.angle_gamma   90.000
#
_symmetry.space_group_name_H-M   'C 1 2 1'
#
loop_
_entity.id
_entity.type
_entity.pdbx_description
1 polymer DitZ
2 non-polymer GLYCEROL
3 non-polymer 'MANGANESE (II) ION'
4 non-polymer 'MAGNESIUM ION'
5 water water
#
_entity_poly.entity_id   1
_entity_poly.type   'polypeptide(L)'
_entity_poly.pdbx_seq_one_letter_code
;MKTEDMVMISIDDHVVEPADIFEKHFPKSLMDQAPKLTAHPRNPRVQAWQFQGTVVGSSGLNAVVSWPKHEWGMDPTGYA
EMRPAVYDMDMRVRDMDANGTLAATLFATFPGFAGTHLASLPDKKLSLAACRAFNDWVVGEVPDAHPGRFIPIGIIPFFD
ADESVAEVHRIAAMGCRSISIPETPYGVGEGFPDFKSGYWDPIFKACVEHNIVLSLHIGGGINLVKRPEGFDIDNMLMLT
PLISTIAATDMMLSGAFKKFPDLKVAMSEGGVGWVAPWLDRLDRHIVNQSWTGTSFLPKGMTPTDVWRKNFLACYITEPS
GLNNRHRLGVDTIAWECDYPHSDSTWPRSPETLKSELDAARCTDEEVDKITFANAAKFFDWDPFEHIPREEATVGALRAR
ATDVDISETSKEEYRRRYELTHS
;
_entity_poly.pdbx_strand_id   A,B
#
loop_
_chem_comp.id
_chem_comp.type
_chem_comp.name
_chem_comp.formula
GOL non-polymer GLYCEROL 'C3 H8 O3'
MG non-polymer 'MAGNESIUM ION' 'Mg 2'
MN non-polymer 'MANGANESE (II) ION' 'Mn 2'
#
# COMPACT_ATOMS: atom_id res chain seq x y z
N MET A 1 -10.92 7.98 -31.67
CA MET A 1 -12.00 7.00 -31.48
C MET A 1 -13.15 7.63 -30.68
N LYS A 2 -14.37 7.35 -31.09
CA LYS A 2 -15.55 7.82 -30.37
C LYS A 2 -15.87 6.87 -29.21
N THR A 3 -16.56 7.42 -28.20
CA THR A 3 -16.99 6.59 -27.07
C THR A 3 -17.73 5.35 -27.54
N GLU A 4 -18.62 5.53 -28.53
CA GLU A 4 -19.50 4.45 -28.99
C GLU A 4 -18.74 3.34 -29.70
N ASP A 5 -17.51 3.57 -30.12
CA ASP A 5 -16.76 2.55 -30.84
C ASP A 5 -15.81 1.78 -29.93
N MET A 6 -15.79 2.07 -28.64
CA MET A 6 -15.03 1.24 -27.72
C MET A 6 -15.65 -0.14 -27.61
N VAL A 7 -14.81 -1.12 -27.33
CA VAL A 7 -15.24 -2.46 -26.93
C VAL A 7 -14.73 -2.67 -25.51
N MET A 8 -15.64 -3.02 -24.61
CA MET A 8 -15.32 -3.06 -23.18
C MET A 8 -15.59 -4.44 -22.61
N ILE A 9 -14.54 -5.11 -22.16
CA ILE A 9 -14.64 -6.33 -21.36
C ILE A 9 -14.24 -5.99 -19.94
N SER A 10 -15.03 -6.47 -18.98
CA SER A 10 -14.76 -6.26 -17.56
C SER A 10 -14.23 -7.57 -17.00
N ILE A 11 -13.04 -7.55 -16.39
CA ILE A 11 -12.50 -8.79 -15.81
C ILE A 11 -12.71 -8.84 -14.29
N ASP A 12 -13.67 -8.06 -13.77
CA ASP A 12 -14.04 -8.18 -12.36
C ASP A 12 -15.45 -7.63 -12.21
N ASP A 13 -16.41 -8.53 -12.02
CA ASP A 13 -17.75 -8.17 -11.57
C ASP A 13 -18.15 -9.17 -10.50
N HIS A 14 -19.35 -9.02 -9.97
CA HIS A 14 -19.83 -9.86 -8.89
C HIS A 14 -21.25 -10.34 -9.19
N VAL A 15 -21.57 -11.53 -8.73
CA VAL A 15 -22.89 -12.09 -8.95
C VAL A 15 -23.49 -12.49 -7.62
N VAL A 16 -24.79 -12.24 -7.48
CA VAL A 16 -25.57 -12.75 -6.36
C VAL A 16 -26.27 -13.99 -6.85
N GLU A 17 -25.96 -15.14 -6.26
CA GLU A 17 -26.46 -16.40 -6.78
C GLU A 17 -27.97 -16.44 -6.59
N PRO A 18 -28.72 -16.91 -7.58
CA PRO A 18 -30.18 -16.94 -7.48
C PRO A 18 -30.63 -18.05 -6.55
N ALA A 19 -31.94 -18.04 -6.26
CA ALA A 19 -32.47 -18.84 -5.18
C ALA A 19 -32.46 -20.34 -5.48
N ASP A 20 -32.41 -20.72 -6.75
CA ASP A 20 -32.54 -22.13 -7.13
C ASP A 20 -31.20 -22.79 -7.47
N ILE A 21 -30.08 -22.13 -7.19
CA ILE A 21 -28.80 -22.65 -7.68
C ILE A 21 -28.49 -24.02 -7.07
N PHE A 22 -28.79 -24.20 -5.78
CA PHE A 22 -28.48 -25.49 -5.19
C PHE A 22 -29.60 -26.51 -5.40
N GLU A 23 -30.85 -26.07 -5.50
CA GLU A 23 -31.90 -26.96 -6.00
C GLU A 23 -31.50 -27.56 -7.34
N LYS A 24 -30.83 -26.78 -8.19
CA LYS A 24 -30.49 -27.26 -9.53
C LYS A 24 -29.19 -28.06 -9.57
N HIS A 25 -28.23 -27.78 -8.68
CA HIS A 25 -26.89 -28.30 -8.87
C HIS A 25 -26.31 -29.05 -7.69
N PHE A 26 -26.88 -28.92 -6.48
CA PHE A 26 -26.41 -29.73 -5.36
C PHE A 26 -26.75 -31.20 -5.58
N PRO A 27 -25.92 -32.12 -5.09
CA PRO A 27 -26.25 -33.55 -5.23
C PRO A 27 -27.55 -33.90 -4.54
N LYS A 28 -28.38 -34.68 -5.24
CA LYS A 28 -29.71 -35.01 -4.71
C LYS A 28 -29.61 -35.73 -3.39
N SER A 29 -28.63 -36.63 -3.24
CA SER A 29 -28.53 -37.40 -2.00
C SER A 29 -28.11 -36.54 -0.82
N LEU A 30 -27.65 -35.31 -1.05
CA LEU A 30 -27.22 -34.41 0.02
C LEU A 30 -28.17 -33.24 0.19
N MET A 31 -29.33 -33.26 -0.47
CA MET A 31 -30.11 -32.03 -0.61
C MET A 31 -30.61 -31.52 0.73
N ASP A 32 -30.96 -32.43 1.65
CA ASP A 32 -31.43 -31.93 2.94
C ASP A 32 -30.33 -31.25 3.73
N GLN A 33 -29.08 -31.30 3.27
CA GLN A 33 -27.99 -30.56 3.90
C GLN A 33 -27.50 -29.41 3.02
N ALA A 34 -28.17 -29.14 1.91
CA ALA A 34 -27.76 -28.08 1.00
C ALA A 34 -27.90 -26.72 1.68
N PRO A 35 -27.16 -25.72 1.20
CA PRO A 35 -27.48 -24.34 1.60
C PRO A 35 -28.95 -24.05 1.30
N LYS A 36 -29.64 -23.44 2.27
CA LYS A 36 -31.05 -23.08 2.12
C LYS A 36 -31.28 -21.64 2.53
N LEU A 37 -32.22 -20.98 1.85
CA LEU A 37 -32.56 -19.61 2.15
C LEU A 37 -33.39 -19.51 3.43
N THR A 38 -32.97 -18.63 4.33
CA THR A 38 -33.71 -18.32 5.54
C THR A 38 -33.66 -16.82 5.75
N ALA A 39 -34.47 -16.34 6.70
CA ALA A 39 -34.42 -14.94 7.06
C ALA A 39 -33.12 -14.62 7.78
N HIS A 40 -32.49 -13.52 7.40
CA HIS A 40 -31.28 -13.11 8.09
C HIS A 40 -31.59 -12.84 9.55
N PRO A 41 -30.73 -13.27 10.48
CA PRO A 41 -30.97 -13.01 11.92
C PRO A 41 -31.09 -11.53 12.26
N ARG A 42 -30.57 -10.64 11.41
CA ARG A 42 -30.61 -9.20 11.68
C ARG A 42 -31.56 -8.47 10.74
N ASN A 43 -32.46 -9.20 10.06
CA ASN A 43 -33.32 -8.60 9.06
C ASN A 43 -34.31 -9.65 8.56
N PRO A 44 -35.44 -9.84 9.24
CA PRO A 44 -36.44 -10.77 8.69
C PRO A 44 -36.95 -10.35 7.34
N ARG A 45 -36.70 -9.08 7.01
CA ARG A 45 -37.13 -8.56 5.74
C ARG A 45 -36.20 -8.94 4.59
N VAL A 46 -35.05 -9.57 4.83
CA VAL A 46 -34.22 -10.06 3.75
C VAL A 46 -33.73 -11.49 3.98
N GLN A 47 -33.63 -12.25 2.91
CA GLN A 47 -33.18 -13.62 3.07
C GLN A 47 -31.66 -13.76 3.02
N ALA A 48 -31.19 -14.86 3.57
CA ALA A 48 -29.77 -15.17 3.53
C ALA A 48 -29.62 -16.69 3.44
N TRP A 49 -28.39 -17.14 3.28
CA TRP A 49 -28.10 -18.56 3.06
C TRP A 49 -27.65 -19.21 4.36
N GLN A 50 -28.35 -20.27 4.75
CA GLN A 50 -28.00 -21.07 5.92
C GLN A 50 -27.31 -22.34 5.45
N PHE A 51 -26.11 -22.58 5.96
CA PHE A 51 -25.30 -23.72 5.53
C PHE A 51 -24.41 -24.11 6.69
N GLN A 52 -24.48 -25.38 7.09
CA GLN A 52 -23.63 -25.93 8.15
C GLN A 52 -23.63 -25.07 9.41
N GLY A 53 -24.82 -24.62 9.81
CA GLY A 53 -24.92 -23.87 11.05
C GLY A 53 -24.43 -22.43 10.98
N THR A 54 -24.33 -21.87 9.77
CA THR A 54 -23.95 -20.48 9.58
C THR A 54 -24.99 -19.83 8.67
N VAL A 55 -25.14 -18.51 8.82
CA VAL A 55 -26.01 -17.75 7.93
C VAL A 55 -25.19 -16.60 7.36
N VAL A 56 -25.23 -16.44 6.04
CA VAL A 56 -24.53 -15.35 5.37
C VAL A 56 -25.40 -14.79 4.25
N GLY A 57 -25.36 -13.47 4.08
CA GLY A 57 -26.06 -12.80 3.01
C GLY A 57 -25.22 -11.70 2.41
N SER A 58 -25.79 -11.03 1.41
CA SER A 58 -25.06 -9.99 0.70
C SER A 58 -24.89 -8.76 1.57
N SER A 59 -23.71 -8.14 1.49
CA SER A 59 -23.52 -6.83 2.09
C SER A 59 -24.20 -5.77 1.25
N GLY A 60 -24.66 -4.72 1.93
CA GLY A 60 -25.34 -3.65 1.24
C GLY A 60 -24.44 -2.66 0.53
N LEU A 61 -23.13 -2.90 0.47
CA LEU A 61 -22.26 -2.13 -0.42
C LEU A 61 -21.97 -2.88 -1.71
N ASN A 62 -22.44 -4.11 -1.83
CA ASN A 62 -22.04 -4.98 -2.92
C ASN A 62 -23.14 -5.21 -3.94
N ALA A 63 -24.31 -4.60 -3.75
CA ALA A 63 -25.42 -4.75 -4.68
C ALA A 63 -26.21 -3.45 -4.75
N VAL A 64 -25.51 -2.32 -4.94
CA VAL A 64 -26.11 -1.00 -4.75
C VAL A 64 -26.63 -0.39 -6.04
N VAL A 65 -26.44 -0.96 -7.27
CA VAL A 65 -26.78 -0.30 -8.52
C VAL A 65 -28.24 0.17 -8.50
N SER A 66 -28.17 1.38 -8.92
CA SER A 66 -29.36 2.24 -9.04
C SER A 66 -29.95 2.72 -7.71
N TRP A 67 -29.47 2.19 -6.57
CA TRP A 67 -29.95 2.69 -5.29
C TRP A 67 -29.50 4.14 -5.06
N PRO A 68 -30.35 4.99 -4.49
CA PRO A 68 -29.86 6.28 -3.98
C PRO A 68 -28.71 6.07 -3.00
N LYS A 69 -27.74 6.98 -3.04
CA LYS A 69 -26.52 6.77 -2.26
C LYS A 69 -26.79 6.72 -0.77
N HIS A 70 -27.82 7.41 -0.28
CA HIS A 70 -28.08 7.33 1.15
C HIS A 70 -28.57 5.96 1.58
N GLU A 71 -28.92 5.08 0.63
CA GLU A 71 -29.35 3.73 0.98
C GLU A 71 -28.20 2.74 1.00
N TRP A 72 -27.01 3.12 0.56
CA TRP A 72 -25.86 2.22 0.60
C TRP A 72 -25.38 2.04 2.04
N GLY A 73 -24.97 0.82 2.38
CA GLY A 73 -24.50 0.62 3.76
C GLY A 73 -24.08 -0.81 3.99
N MET A 74 -23.50 -1.03 5.17
CA MET A 74 -22.93 -2.33 5.51
C MET A 74 -23.98 -3.38 5.84
N ASP A 75 -25.17 -2.98 6.30
CA ASP A 75 -26.22 -3.92 6.71
C ASP A 75 -26.51 -4.96 5.63
N PRO A 76 -26.90 -6.17 6.01
CA PRO A 76 -27.23 -7.18 4.99
C PRO A 76 -28.41 -6.75 4.13
N THR A 77 -28.40 -7.19 2.88
CA THR A 77 -29.47 -6.95 1.92
C THR A 77 -29.82 -8.28 1.25
N GLY A 78 -30.88 -8.28 0.45
CA GLY A 78 -31.34 -9.53 -0.11
C GLY A 78 -32.07 -9.28 -1.41
N TYR A 79 -32.55 -10.38 -2.01
CA TYR A 79 -33.14 -10.34 -3.34
C TYR A 79 -34.23 -9.27 -3.45
N ALA A 80 -35.06 -9.12 -2.41
CA ALA A 80 -36.21 -8.24 -2.54
C ALA A 80 -35.80 -6.81 -2.79
N GLU A 81 -34.68 -6.39 -2.23
CA GLU A 81 -34.22 -5.01 -2.31
C GLU A 81 -33.35 -4.76 -3.54
N MET A 82 -32.86 -5.80 -4.18
CA MET A 82 -31.88 -5.66 -5.24
C MET A 82 -32.54 -5.40 -6.59
N ARG A 83 -31.91 -4.56 -7.39
CA ARG A 83 -32.26 -4.51 -8.79
C ARG A 83 -32.18 -5.93 -9.35
N PRO A 84 -33.21 -6.40 -10.07
CA PRO A 84 -33.24 -7.82 -10.44
C PRO A 84 -32.02 -8.28 -11.21
N ALA A 85 -31.40 -7.38 -12.00
CA ALA A 85 -30.21 -7.72 -12.75
C ALA A 85 -29.04 -8.16 -11.87
N VAL A 86 -29.03 -7.86 -10.57
CA VAL A 86 -27.88 -8.32 -9.80
C VAL A 86 -27.92 -9.85 -9.61
N TYR A 87 -29.12 -10.46 -9.56
CA TYR A 87 -29.23 -11.90 -9.36
C TYR A 87 -29.85 -12.64 -10.54
N ASP A 88 -30.50 -11.95 -11.47
CA ASP A 88 -31.15 -12.57 -12.61
C ASP A 88 -30.31 -12.28 -13.85
N MET A 89 -29.64 -13.32 -14.37
CA MET A 89 -28.67 -13.08 -15.44
C MET A 89 -29.33 -12.67 -16.74
N ASP A 90 -30.60 -13.02 -16.96
CA ASP A 90 -31.31 -12.49 -18.11
C ASP A 90 -31.36 -10.97 -18.04
N MET A 91 -31.65 -10.43 -16.85
CA MET A 91 -31.68 -8.99 -16.68
C MET A 91 -30.28 -8.40 -16.61
N ARG A 92 -29.32 -9.18 -16.12
CA ARG A 92 -27.94 -8.69 -16.05
C ARG A 92 -27.42 -8.33 -17.44
N VAL A 93 -27.68 -9.17 -18.44
CA VAL A 93 -27.12 -8.83 -19.75
C VAL A 93 -27.79 -7.58 -20.31
N ARG A 94 -29.03 -7.30 -19.90
CA ARG A 94 -29.66 -6.05 -20.32
C ARG A 94 -29.00 -4.84 -19.67
N ASP A 95 -28.64 -4.94 -18.39
CA ASP A 95 -27.88 -3.89 -17.74
C ASP A 95 -26.49 -3.75 -18.37
N MET A 96 -25.90 -4.86 -18.81
CA MET A 96 -24.61 -4.78 -19.49
C MET A 96 -24.77 -4.07 -20.83
N ASP A 97 -25.81 -4.41 -21.60
CA ASP A 97 -26.08 -3.68 -22.84
C ASP A 97 -26.21 -2.18 -22.57
N ALA A 98 -26.96 -1.81 -21.52
CA ALA A 98 -27.18 -0.39 -21.26
C ALA A 98 -25.88 0.33 -20.91
N ASN A 99 -24.92 -0.38 -20.33
CA ASN A 99 -23.62 0.17 -19.95
C ASN A 99 -22.57 -0.02 -21.03
N GLY A 100 -22.92 -0.61 -22.17
CA GLY A 100 -21.95 -0.81 -23.23
C GLY A 100 -20.94 -1.90 -22.95
N THR A 101 -21.24 -2.80 -22.02
CA THR A 101 -20.28 -3.82 -21.57
C THR A 101 -20.47 -5.10 -22.35
N LEU A 102 -19.43 -5.50 -23.11
CA LEU A 102 -19.50 -6.73 -23.88
C LEU A 102 -19.51 -7.97 -22.98
N ALA A 103 -18.54 -8.06 -22.06
CA ALA A 103 -18.42 -9.25 -21.25
C ALA A 103 -18.10 -8.86 -19.80
N ALA A 104 -18.45 -9.76 -18.89
CA ALA A 104 -18.22 -9.61 -17.46
C ALA A 104 -17.64 -10.89 -16.89
N THR A 105 -17.03 -10.78 -15.72
CA THR A 105 -16.31 -11.87 -15.07
C THR A 105 -16.85 -12.00 -13.65
N LEU A 106 -17.63 -13.05 -13.39
CA LEU A 106 -18.51 -13.11 -12.22
C LEU A 106 -17.86 -13.73 -10.98
N PHE A 107 -17.46 -12.90 -10.03
CA PHE A 107 -16.99 -13.39 -8.73
C PHE A 107 -18.16 -13.75 -7.81
N ALA A 108 -17.99 -14.80 -7.02
CA ALA A 108 -19.04 -15.38 -6.20
C ALA A 108 -19.44 -14.49 -5.03
N THR A 109 -20.70 -14.66 -4.58
CA THR A 109 -21.11 -14.08 -3.29
C THR A 109 -21.17 -15.14 -2.19
N PHE A 110 -22.16 -16.03 -2.23
CA PHE A 110 -22.37 -16.95 -1.12
C PHE A 110 -21.12 -17.76 -0.72
N PRO A 111 -20.39 -18.41 -1.62
CA PRO A 111 -19.20 -19.15 -1.17
C PRO A 111 -18.04 -18.25 -0.77
N GLY A 112 -18.15 -16.93 -0.96
CA GLY A 112 -17.01 -16.05 -0.84
C GLY A 112 -16.41 -15.87 -2.22
N PHE A 113 -15.97 -14.67 -2.59
CA PHE A 113 -15.45 -14.52 -3.96
C PHE A 113 -14.22 -15.39 -4.19
N ALA A 114 -13.55 -15.83 -3.11
CA ALA A 114 -12.42 -16.77 -3.23
C ALA A 114 -12.72 -18.09 -2.54
N GLY A 115 -13.99 -18.38 -2.24
CA GLY A 115 -14.36 -19.65 -1.65
C GLY A 115 -14.11 -19.80 -0.16
N THR A 116 -13.72 -18.73 0.54
CA THR A 116 -13.31 -18.86 1.94
C THR A 116 -14.47 -19.17 2.88
N HIS A 117 -15.71 -18.86 2.50
CA HIS A 117 -16.82 -19.22 3.40
C HIS A 117 -16.98 -20.74 3.44
N LEU A 118 -16.92 -21.40 2.28
CA LEU A 118 -16.94 -22.86 2.22
C LEU A 118 -15.74 -23.46 2.93
N ALA A 119 -14.58 -22.82 2.87
CA ALA A 119 -13.39 -23.37 3.48
C ALA A 119 -13.42 -23.26 5.01
N SER A 120 -14.27 -22.40 5.54
CA SER A 120 -14.37 -22.17 6.98
C SER A 120 -15.24 -23.19 7.70
N LEU A 121 -15.94 -24.03 6.96
CA LEU A 121 -16.99 -24.86 7.55
C LEU A 121 -16.46 -26.25 7.88
N PRO A 122 -17.07 -26.96 8.83
CA PRO A 122 -16.43 -28.16 9.36
C PRO A 122 -16.59 -29.41 8.50
N ASP A 123 -17.69 -29.52 7.76
CA ASP A 123 -17.91 -30.71 6.93
C ASP A 123 -17.38 -30.41 5.53
N LYS A 124 -16.19 -30.93 5.22
CA LYS A 124 -15.54 -30.60 3.95
C LYS A 124 -16.15 -31.35 2.78
N LYS A 125 -16.76 -32.53 3.01
CA LYS A 125 -17.52 -33.14 1.93
C LYS A 125 -18.71 -32.28 1.54
N LEU A 126 -19.37 -31.67 2.53
CA LEU A 126 -20.45 -30.74 2.22
C LEU A 126 -19.92 -29.49 1.54
N SER A 127 -18.81 -28.94 2.04
CA SER A 127 -18.25 -27.75 1.41
C SER A 127 -17.78 -28.06 -0.01
N LEU A 128 -17.22 -29.24 -0.24
CA LEU A 128 -16.80 -29.61 -1.59
C LEU A 128 -17.99 -29.71 -2.52
N ALA A 129 -19.09 -30.33 -2.07
CA ALA A 129 -20.28 -30.40 -2.89
C ALA A 129 -20.78 -29.02 -3.26
N ALA A 130 -20.74 -28.08 -2.29
CA ALA A 130 -21.21 -26.72 -2.56
C ALA A 130 -20.28 -26.00 -3.54
N CYS A 131 -18.97 -26.25 -3.46
CA CYS A 131 -18.06 -25.64 -4.42
C CYS A 131 -18.33 -26.12 -5.83
N ARG A 132 -18.49 -27.43 -5.99
CA ARG A 132 -18.75 -27.97 -7.33
C ARG A 132 -20.10 -27.51 -7.87
N ALA A 133 -21.12 -27.43 -7.00
CA ALA A 133 -22.42 -26.98 -7.48
C ALA A 133 -22.35 -25.53 -7.94
N PHE A 134 -21.66 -24.68 -7.17
CA PHE A 134 -21.47 -23.30 -7.58
C PHE A 134 -20.76 -23.22 -8.93
N ASN A 135 -19.66 -23.98 -9.09
CA ASN A 135 -18.93 -23.92 -10.35
C ASN A 135 -19.79 -24.41 -11.51
N ASP A 136 -20.54 -25.50 -11.31
CA ASP A 136 -21.47 -25.97 -12.34
C ASP A 136 -22.38 -24.84 -12.82
N TRP A 137 -22.83 -24.00 -11.89
CA TRP A 137 -23.72 -22.90 -12.27
C TRP A 137 -22.95 -21.76 -12.95
N VAL A 138 -21.89 -21.26 -12.31
CA VAL A 138 -21.29 -20.01 -12.76
C VAL A 138 -20.28 -20.26 -13.89
N VAL A 139 -19.69 -21.44 -13.94
CA VAL A 139 -18.76 -21.75 -15.03
C VAL A 139 -19.49 -22.40 -16.20
N GLY A 140 -20.40 -23.33 -15.91
CA GLY A 140 -21.10 -24.04 -16.96
C GLY A 140 -22.36 -23.36 -17.44
N GLU A 141 -23.35 -23.23 -16.55
CA GLU A 141 -24.69 -22.83 -16.96
C GLU A 141 -24.72 -21.41 -17.48
N VAL A 142 -24.22 -20.45 -16.69
CA VAL A 142 -24.36 -19.03 -17.01
C VAL A 142 -23.65 -18.68 -18.31
N PRO A 143 -22.35 -18.95 -18.49
CA PRO A 143 -21.71 -18.57 -19.76
C PRO A 143 -22.34 -19.23 -20.97
N ASP A 144 -22.88 -20.46 -20.83
CA ASP A 144 -23.50 -21.13 -21.96
C ASP A 144 -24.89 -20.57 -22.27
N ALA A 145 -25.59 -20.01 -21.26
CA ALA A 145 -26.87 -19.38 -21.52
C ALA A 145 -26.73 -18.02 -22.18
N HIS A 146 -25.56 -17.38 -22.06
CA HIS A 146 -25.32 -16.04 -22.61
C HIS A 146 -23.97 -16.02 -23.33
N PRO A 147 -23.88 -16.68 -24.49
CA PRO A 147 -22.57 -16.85 -25.14
C PRO A 147 -21.93 -15.51 -25.46
N GLY A 148 -20.67 -15.38 -25.10
CA GLY A 148 -19.92 -14.17 -25.35
C GLY A 148 -20.07 -13.09 -24.32
N ARG A 149 -20.94 -13.27 -23.32
CA ARG A 149 -21.18 -12.24 -22.32
C ARG A 149 -20.47 -12.47 -21.00
N PHE A 150 -20.00 -13.69 -20.72
CA PHE A 150 -19.37 -13.96 -19.44
C PHE A 150 -18.08 -14.74 -19.62
N ILE A 151 -16.99 -14.23 -19.05
CA ILE A 151 -15.70 -14.93 -19.02
C ILE A 151 -15.76 -15.91 -17.85
N PRO A 152 -15.66 -17.21 -18.11
CA PRO A 152 -15.84 -18.21 -17.04
C PRO A 152 -14.74 -18.14 -16.00
N ILE A 153 -15.15 -17.96 -14.75
CA ILE A 153 -14.23 -17.93 -13.61
C ILE A 153 -14.86 -18.75 -12.48
N GLY A 154 -14.06 -19.58 -11.82
CA GLY A 154 -14.61 -20.38 -10.74
C GLY A 154 -13.83 -20.26 -9.43
N ILE A 155 -14.18 -21.08 -8.44
CA ILE A 155 -13.45 -21.13 -7.18
C ILE A 155 -13.00 -22.59 -6.98
N ILE A 156 -12.16 -22.80 -5.97
CA ILE A 156 -11.66 -24.15 -5.69
C ILE A 156 -11.84 -24.47 -4.22
N PRO A 157 -11.90 -25.78 -3.88
CA PRO A 157 -11.88 -26.24 -2.47
C PRO A 157 -10.46 -26.21 -1.92
N PHE A 158 -9.92 -25.00 -1.73
CA PHE A 158 -8.48 -24.84 -1.50
C PHE A 158 -8.02 -25.38 -0.14
N PHE A 159 -8.94 -25.80 0.74
CA PHE A 159 -8.59 -26.51 1.96
C PHE A 159 -8.03 -27.89 1.68
N ASP A 160 -8.12 -28.38 0.44
CA ASP A 160 -7.72 -29.73 0.08
C ASP A 160 -7.02 -29.64 -1.27
N ALA A 161 -5.70 -29.79 -1.27
CA ALA A 161 -4.93 -29.58 -2.50
C ALA A 161 -5.32 -30.57 -3.58
N ASP A 162 -5.40 -31.85 -3.25
CA ASP A 162 -5.77 -32.87 -4.24
C ASP A 162 -7.15 -32.59 -4.82
N GLU A 163 -8.11 -32.23 -3.97
CA GLU A 163 -9.45 -31.93 -4.50
C GLU A 163 -9.44 -30.64 -5.33
N SER A 164 -8.58 -29.69 -4.97
CA SER A 164 -8.46 -28.48 -5.78
C SER A 164 -7.91 -28.80 -7.17
N VAL A 165 -6.91 -29.67 -7.25
CA VAL A 165 -6.35 -30.03 -8.55
C VAL A 165 -7.42 -30.70 -9.40
N ALA A 166 -8.14 -31.66 -8.82
CA ALA A 166 -9.23 -32.32 -9.53
C ALA A 166 -10.27 -31.32 -10.02
N GLU A 167 -10.63 -30.35 -9.18
CA GLU A 167 -11.64 -29.39 -9.59
C GLU A 167 -11.13 -28.50 -10.72
N VAL A 168 -9.84 -28.13 -10.69
CA VAL A 168 -9.28 -27.36 -11.79
C VAL A 168 -9.41 -28.12 -13.11
N HIS A 169 -9.00 -29.39 -13.12
CA HIS A 169 -9.20 -30.19 -14.34
C HIS A 169 -10.66 -30.22 -14.75
N ARG A 170 -11.57 -30.40 -13.80
CA ARG A 170 -12.98 -30.57 -14.13
C ARG A 170 -13.56 -29.30 -14.74
N ILE A 171 -13.29 -28.14 -14.13
CA ILE A 171 -13.86 -26.91 -14.67
C ILE A 171 -13.05 -26.37 -15.85
N ALA A 172 -11.77 -26.74 -15.98
CA ALA A 172 -11.07 -26.43 -17.24
C ALA A 172 -11.84 -26.97 -18.43
N ALA A 173 -12.31 -28.22 -18.34
CA ALA A 173 -13.04 -28.83 -19.45
C ALA A 173 -14.42 -28.22 -19.66
N MET A 174 -14.89 -27.40 -18.74
CA MET A 174 -16.12 -26.65 -18.93
C MET A 174 -15.87 -25.25 -19.49
N GLY A 175 -14.61 -24.91 -19.78
CA GLY A 175 -14.25 -23.61 -20.31
C GLY A 175 -13.75 -22.60 -19.31
N CYS A 176 -13.48 -23.01 -18.06
CA CYS A 176 -13.00 -22.08 -17.05
C CYS A 176 -11.72 -21.40 -17.50
N ARG A 177 -11.70 -20.07 -17.40
CA ARG A 177 -10.53 -19.26 -17.77
C ARG A 177 -9.73 -18.78 -16.56
N SER A 178 -10.33 -18.77 -15.38
CA SER A 178 -9.66 -18.25 -14.20
C SER A 178 -10.25 -18.94 -12.96
N ILE A 179 -9.43 -19.10 -11.92
CA ILE A 179 -9.95 -19.44 -10.60
C ILE A 179 -9.61 -18.28 -9.68
N SER A 180 -10.59 -17.90 -8.86
CA SER A 180 -10.37 -16.88 -7.83
C SER A 180 -9.90 -17.57 -6.56
N ILE A 181 -8.70 -17.25 -6.11
CA ILE A 181 -8.13 -17.86 -4.91
C ILE A 181 -7.86 -16.77 -3.91
N PRO A 182 -7.76 -17.12 -2.62
CA PRO A 182 -7.54 -16.10 -1.58
C PRO A 182 -6.22 -15.39 -1.78
N GLU A 183 -6.25 -14.05 -1.77
CA GLU A 183 -5.03 -13.33 -2.12
C GLU A 183 -3.97 -13.44 -1.04
N THR A 184 -4.35 -13.63 0.22
CA THR A 184 -3.40 -13.74 1.33
C THR A 184 -3.89 -14.87 2.23
N PRO A 185 -3.62 -16.13 1.85
CA PRO A 185 -4.28 -17.26 2.53
C PRO A 185 -3.94 -17.38 3.99
N TYR A 186 -2.78 -16.90 4.40
CA TYR A 186 -2.42 -16.93 5.81
C TYR A 186 -3.31 -16.02 6.65
N GLY A 187 -4.08 -15.13 6.02
CA GLY A 187 -5.00 -14.26 6.70
C GLY A 187 -6.42 -14.79 6.82
N VAL A 188 -6.69 -15.96 6.26
CA VAL A 188 -8.04 -16.50 6.12
C VAL A 188 -8.32 -17.39 7.33
N GLY A 189 -9.38 -17.06 8.08
CA GLY A 189 -9.73 -17.87 9.23
C GLY A 189 -8.55 -17.96 10.18
N GLU A 190 -8.32 -19.17 10.61
CA GLU A 190 -7.08 -19.42 11.46
CA GLU A 190 -7.15 -19.51 11.40
C GLU A 190 -5.72 -19.53 10.62
N GLY A 191 -5.92 -19.35 9.32
CA GLY A 191 -4.75 -19.35 8.48
C GLY A 191 -4.65 -20.60 7.62
N PHE A 192 -4.46 -20.39 6.34
CA PHE A 192 -4.12 -21.47 5.42
C PHE A 192 -2.68 -21.31 4.98
N PRO A 193 -2.06 -22.35 4.41
CA PRO A 193 -0.65 -22.23 4.01
C PRO A 193 -0.46 -21.09 3.00
N ASP A 194 0.73 -20.48 3.03
CA ASP A 194 1.01 -19.34 2.17
C ASP A 194 1.61 -19.81 0.85
N PHE A 195 1.79 -18.88 -0.08
CA PHE A 195 2.20 -19.26 -1.43
C PHE A 195 3.64 -19.78 -1.44
N LYS A 196 4.46 -19.35 -0.49
CA LYS A 196 5.84 -19.76 -0.44
C LYS A 196 6.01 -21.16 0.12
N SER A 197 4.98 -21.72 0.75
CA SER A 197 5.11 -22.99 1.44
C SER A 197 5.20 -24.17 0.50
N GLY A 198 4.81 -24.01 -0.77
CA GLY A 198 4.70 -25.11 -1.68
C GLY A 198 3.35 -25.78 -1.69
N TYR A 199 2.48 -25.45 -0.73
CA TYR A 199 1.17 -26.08 -0.64
C TYR A 199 0.38 -25.89 -1.93
N TRP A 200 0.52 -24.72 -2.56
CA TRP A 200 -0.28 -24.38 -3.72
C TRP A 200 0.34 -24.88 -5.02
N ASP A 201 1.55 -25.42 -4.97
CA ASP A 201 2.26 -25.76 -6.20
C ASP A 201 1.49 -26.72 -7.11
N PRO A 202 0.82 -27.76 -6.61
CA PRO A 202 0.05 -28.60 -7.55
C PRO A 202 -1.13 -27.87 -8.16
N ILE A 203 -1.70 -26.90 -7.44
CA ILE A 203 -2.73 -26.06 -8.03
C ILE A 203 -2.14 -25.15 -9.10
N PHE A 204 -1.01 -24.50 -8.78
CA PHE A 204 -0.32 -23.68 -9.77
C PHE A 204 0.00 -24.49 -11.02
N LYS A 205 0.47 -25.72 -10.80
CA LYS A 205 0.88 -26.57 -11.91
C LYS A 205 -0.30 -26.88 -12.82
N ALA A 206 -1.45 -27.25 -12.22
CA ALA A 206 -2.62 -27.58 -13.01
C ALA A 206 -3.17 -26.37 -13.74
N CYS A 207 -3.12 -25.19 -13.13
CA CYS A 207 -3.57 -23.97 -13.81
C CYS A 207 -2.73 -23.67 -15.04
N VAL A 208 -1.40 -23.76 -14.92
CA VAL A 208 -0.54 -23.56 -16.09
C VAL A 208 -0.89 -24.55 -17.18
N GLU A 209 -1.14 -25.81 -16.80
CA GLU A 209 -1.45 -26.82 -17.80
C GLU A 209 -2.69 -26.47 -18.60
N HIS A 210 -3.64 -25.75 -17.98
CA HIS A 210 -4.87 -25.37 -18.66
C HIS A 210 -4.90 -23.90 -19.04
N ASN A 211 -3.79 -23.19 -18.86
CA ASN A 211 -3.72 -21.75 -19.16
C ASN A 211 -4.75 -20.96 -18.35
N ILE A 212 -4.96 -21.37 -17.11
CA ILE A 212 -5.98 -20.77 -16.26
C ILE A 212 -5.33 -19.69 -15.39
N VAL A 213 -5.94 -18.50 -15.37
CA VAL A 213 -5.43 -17.33 -14.64
C VAL A 213 -5.80 -17.44 -13.15
N LEU A 214 -4.86 -17.11 -12.28
CA LEU A 214 -5.18 -16.93 -10.87
C LEU A 214 -5.69 -15.51 -10.67
N SER A 215 -6.95 -15.35 -10.24
CA SER A 215 -7.48 -14.04 -9.91
C SER A 215 -7.32 -13.85 -8.41
N LEU A 216 -6.56 -12.83 -8.01
CA LEU A 216 -6.36 -12.51 -6.59
C LEU A 216 -7.11 -11.22 -6.32
N HIS A 217 -8.38 -11.35 -5.93
CA HIS A 217 -9.27 -10.22 -5.70
C HIS A 217 -9.01 -9.59 -4.34
N ILE A 218 -9.12 -8.25 -4.27
CA ILE A 218 -8.96 -7.54 -2.99
C ILE A 218 -9.98 -8.04 -1.96
N GLY A 219 -9.68 -7.78 -0.69
CA GLY A 219 -10.51 -8.19 0.43
C GLY A 219 -9.81 -9.08 1.43
N GLY A 220 -8.67 -9.67 1.07
CA GLY A 220 -7.94 -10.51 2.00
C GLY A 220 -6.88 -9.71 2.74
N GLY A 221 -6.18 -8.86 2.00
CA GLY A 221 -5.13 -8.05 2.61
C GLY A 221 -5.64 -7.14 3.71
N ILE A 222 -6.83 -6.56 3.52
CA ILE A 222 -7.39 -5.69 4.56
C ILE A 222 -7.56 -6.46 5.87
N ASN A 223 -7.89 -7.75 5.81
CA ASN A 223 -8.06 -8.52 7.04
C ASN A 223 -6.75 -8.79 7.76
N LEU A 224 -5.62 -8.47 7.15
CA LEU A 224 -4.32 -8.59 7.81
C LEU A 224 -3.97 -7.38 8.68
N VAL A 225 -4.67 -6.26 8.51
CA VAL A 225 -4.22 -4.98 9.03
C VAL A 225 -4.95 -4.66 10.32
N LYS A 226 -4.19 -4.59 11.42
CA LYS A 226 -4.77 -4.12 12.68
C LYS A 226 -5.30 -2.70 12.50
N ARG A 227 -6.49 -2.45 13.04
CA ARG A 227 -7.08 -1.12 13.05
C ARG A 227 -7.40 -0.72 14.48
N PRO A 228 -7.57 0.58 14.75
CA PRO A 228 -8.04 1.00 16.08
C PRO A 228 -9.45 0.51 16.34
N GLU A 229 -9.83 0.59 17.62
CA GLU A 229 -11.05 -0.03 18.11
C GLU A 229 -12.29 0.36 17.31
N GLY A 230 -12.53 1.65 17.12
CA GLY A 230 -13.78 2.07 16.50
C GLY A 230 -13.88 1.86 15.00
N PHE A 231 -14.71 0.89 14.56
CA PHE A 231 -14.86 0.57 13.13
C PHE A 231 -15.16 1.80 12.30
N ASP A 232 -14.22 2.19 11.45
CA ASP A 232 -14.41 3.36 10.58
C ASP A 232 -14.65 2.91 9.14
N ILE A 233 -15.91 2.89 8.73
CA ILE A 233 -16.26 2.48 7.37
C ILE A 233 -15.43 3.24 6.34
N ASP A 234 -15.32 4.56 6.51
CA ASP A 234 -14.65 5.37 5.51
C ASP A 234 -13.17 5.01 5.41
N ASN A 235 -12.53 4.76 6.56
CA ASN A 235 -11.13 4.36 6.55
C ASN A 235 -10.96 3.02 5.85
N MET A 236 -11.81 2.04 6.16
CA MET A 236 -11.71 0.74 5.49
C MET A 236 -11.90 0.88 3.99
N LEU A 237 -12.97 1.57 3.56
CA LEU A 237 -13.21 1.77 2.13
C LEU A 237 -12.02 2.42 1.44
N MET A 238 -11.30 3.30 2.15
CA MET A 238 -10.12 3.93 1.56
C MET A 238 -8.96 2.95 1.47
N LEU A 239 -8.74 2.10 2.48
CA LEU A 239 -7.56 1.26 2.45
C LEU A 239 -7.76 0.00 1.62
N THR A 240 -8.94 -0.62 1.72
CA THR A 240 -9.15 -1.96 1.18
C THR A 240 -8.62 -2.14 -0.25
N PRO A 241 -8.86 -1.24 -1.20
CA PRO A 241 -8.37 -1.48 -2.57
C PRO A 241 -6.99 -0.92 -2.87
N LEU A 242 -6.28 -0.35 -1.90
CA LEU A 242 -5.00 0.29 -2.16
C LEU A 242 -3.81 -0.52 -1.64
N ILE A 243 -4.03 -1.75 -1.20
CA ILE A 243 -2.97 -2.52 -0.55
C ILE A 243 -2.78 -3.88 -1.21
N SER A 244 -3.04 -3.95 -2.52
CA SER A 244 -2.69 -5.14 -3.30
C SER A 244 -1.19 -5.39 -3.31
N THR A 245 -0.40 -4.41 -2.89
CA THR A 245 1.04 -4.59 -2.73
C THR A 245 1.39 -5.81 -1.89
N ILE A 246 0.57 -6.11 -0.87
CA ILE A 246 0.92 -7.21 0.03
C ILE A 246 0.87 -8.53 -0.72
N ALA A 247 -0.28 -8.86 -1.30
CA ALA A 247 -0.43 -10.13 -2.01
C ALA A 247 0.52 -10.23 -3.21
N ALA A 248 0.68 -9.14 -3.96
CA ALA A 248 1.59 -9.19 -5.11
C ALA A 248 3.03 -9.46 -4.66
N THR A 249 3.46 -8.81 -3.58
CA THR A 249 4.76 -9.10 -2.99
C THR A 249 4.87 -10.57 -2.56
N ASP A 250 3.86 -11.08 -1.85
CA ASP A 250 3.87 -12.50 -1.47
C ASP A 250 4.06 -13.40 -2.70
N MET A 251 3.27 -13.17 -3.75
CA MET A 251 3.34 -14.04 -4.93
C MET A 251 4.70 -13.94 -5.61
N MET A 252 5.19 -12.71 -5.79
CA MET A 252 6.50 -12.48 -6.41
C MET A 252 7.61 -13.18 -5.62
N LEU A 253 7.65 -12.99 -4.31
CA LEU A 253 8.75 -13.51 -3.49
C LEU A 253 8.60 -14.98 -3.15
N SER A 254 7.47 -15.60 -3.48
CA SER A 254 7.25 -17.01 -3.17
C SER A 254 8.13 -17.92 -4.00
N GLY A 255 8.68 -17.41 -5.11
CA GLY A 255 9.36 -18.23 -6.09
C GLY A 255 8.42 -18.93 -7.04
N ALA A 256 7.13 -18.63 -6.99
CA ALA A 256 6.15 -19.30 -7.85
C ALA A 256 6.51 -19.15 -9.32
N PHE A 257 7.00 -17.98 -9.73
CA PHE A 257 7.29 -17.80 -11.15
C PHE A 257 8.60 -18.45 -11.56
N LYS A 258 9.55 -18.65 -10.65
CA LYS A 258 10.71 -19.45 -11.00
C LYS A 258 10.31 -20.91 -11.23
N LYS A 259 9.42 -21.44 -10.38
CA LYS A 259 8.96 -22.82 -10.54
C LYS A 259 7.98 -22.95 -11.69
N PHE A 260 7.12 -21.94 -11.92
CA PHE A 260 6.05 -21.98 -12.92
C PHE A 260 6.13 -20.72 -13.78
N PRO A 261 7.07 -20.65 -14.71
CA PRO A 261 7.31 -19.39 -15.44
C PRO A 261 6.14 -18.91 -16.28
N ASP A 262 5.16 -19.75 -16.58
CA ASP A 262 4.01 -19.33 -17.37
C ASP A 262 2.79 -19.01 -16.51
N LEU A 263 2.91 -19.05 -15.20
CA LEU A 263 1.78 -18.80 -14.31
C LEU A 263 1.25 -17.38 -14.49
N LYS A 264 -0.07 -17.23 -14.55
CA LYS A 264 -0.70 -15.93 -14.78
C LYS A 264 -1.47 -15.49 -13.54
N VAL A 265 -1.30 -14.23 -13.16
CA VAL A 265 -1.93 -13.66 -11.95
C VAL A 265 -2.59 -12.34 -12.33
N ALA A 266 -3.90 -12.24 -12.10
CA ALA A 266 -4.64 -10.98 -12.24
C ALA A 266 -4.93 -10.42 -10.86
N MET A 267 -4.54 -9.16 -10.61
CA MET A 267 -4.74 -8.54 -9.30
C MET A 267 -6.08 -7.81 -9.30
N SER A 268 -7.14 -8.61 -9.25
CA SER A 268 -8.49 -8.13 -9.48
C SER A 268 -8.88 -7.03 -8.50
N GLU A 269 -9.42 -5.93 -9.03
CA GLU A 269 -9.86 -4.75 -8.27
C GLU A 269 -8.72 -4.09 -7.52
N GLY A 270 -7.48 -4.34 -7.91
CA GLY A 270 -6.37 -3.75 -7.20
C GLY A 270 -5.98 -2.37 -7.60
N GLY A 271 -6.50 -1.86 -8.73
CA GLY A 271 -6.06 -0.59 -9.24
C GLY A 271 -4.72 -0.70 -9.94
N VAL A 272 -4.17 0.47 -10.32
CA VAL A 272 -2.99 0.53 -11.17
C VAL A 272 -1.79 1.13 -10.44
N GLY A 273 -2.01 2.20 -9.67
CA GLY A 273 -0.92 3.03 -9.19
C GLY A 273 0.02 2.35 -8.24
N TRP A 274 -0.44 1.32 -7.52
CA TRP A 274 0.44 0.63 -6.58
C TRP A 274 1.63 -0.03 -7.28
N VAL A 275 1.48 -0.35 -8.56
CA VAL A 275 2.46 -1.20 -9.23
C VAL A 275 3.80 -0.48 -9.41
N ALA A 276 3.76 0.76 -9.91
CA ALA A 276 5.00 1.47 -10.26
C ALA A 276 6.00 1.58 -9.12
N PRO A 277 5.65 2.10 -7.94
CA PRO A 277 6.66 2.14 -6.85
C PRO A 277 7.12 0.76 -6.42
N TRP A 278 6.22 -0.21 -6.52
CA TRP A 278 6.54 -1.56 -6.10
C TRP A 278 7.57 -2.18 -7.04
N LEU A 279 7.36 -2.00 -8.35
CA LEU A 279 8.35 -2.51 -9.31
C LEU A 279 9.68 -1.78 -9.17
N ASP A 280 9.65 -0.47 -8.89
CA ASP A 280 10.90 0.26 -8.69
C ASP A 280 11.68 -0.35 -7.54
N ARG A 281 11.01 -0.64 -6.43
CA ARG A 281 11.71 -1.21 -5.29
C ARG A 281 12.16 -2.64 -5.57
N LEU A 282 11.31 -3.45 -6.20
CA LEU A 282 11.73 -4.81 -6.52
C LEU A 282 12.88 -4.83 -7.51
N ASP A 283 12.75 -4.06 -8.60
CA ASP A 283 13.82 -3.99 -9.60
C ASP A 283 15.15 -3.66 -8.94
N ARG A 284 15.16 -2.64 -8.08
CA ARG A 284 16.39 -2.24 -7.41
CA ARG A 284 16.40 -2.24 -7.42
C ARG A 284 16.90 -3.33 -6.47
N HIS A 285 15.99 -4.01 -5.78
CA HIS A 285 16.40 -5.11 -4.90
C HIS A 285 17.13 -6.21 -5.68
N ILE A 286 16.59 -6.59 -6.84
CA ILE A 286 17.22 -7.67 -7.62
C ILE A 286 18.60 -7.25 -8.10
N VAL A 287 18.75 -5.99 -8.52
CA VAL A 287 20.08 -5.50 -8.91
C VAL A 287 21.03 -5.55 -7.73
N ASN A 288 20.60 -5.02 -6.59
CA ASN A 288 21.47 -4.91 -5.43
C ASN A 288 21.78 -6.26 -4.79
N GLN A 289 20.95 -7.27 -5.01
CA GLN A 289 21.18 -8.58 -4.42
C GLN A 289 21.69 -9.60 -5.44
N SER A 290 22.02 -9.16 -6.66
CA SER A 290 22.48 -10.11 -7.68
C SER A 290 23.75 -10.84 -7.24
N TRP A 291 24.53 -10.26 -6.32
CA TRP A 291 25.73 -10.93 -5.82
C TRP A 291 25.42 -12.26 -5.12
N THR A 292 24.18 -12.47 -4.65
CA THR A 292 23.88 -13.73 -3.95
C THR A 292 23.85 -14.93 -4.89
N GLY A 293 23.70 -14.72 -6.18
CA GLY A 293 23.66 -15.82 -7.12
C GLY A 293 22.33 -16.53 -7.24
N THR A 294 21.26 -15.95 -6.70
CA THR A 294 19.94 -16.57 -6.83
C THR A 294 18.89 -15.50 -6.60
N SER A 295 17.68 -15.80 -7.05
CA SER A 295 16.56 -14.90 -6.82
C SER A 295 15.27 -15.70 -6.93
N PHE A 296 14.17 -15.02 -6.61
CA PHE A 296 12.86 -15.63 -6.62
C PHE A 296 12.26 -15.67 -8.01
N LEU A 297 13.00 -15.18 -9.01
CA LEU A 297 12.54 -15.04 -10.38
C LEU A 297 13.28 -16.01 -11.28
N PRO A 298 12.71 -16.32 -12.45
CA PRO A 298 13.45 -17.12 -13.43
C PRO A 298 14.71 -16.40 -13.87
N LYS A 299 15.75 -17.17 -14.17
CA LYS A 299 17.04 -16.56 -14.45
C LYS A 299 16.95 -15.62 -15.64
N GLY A 300 17.69 -14.52 -15.58
CA GLY A 300 17.69 -13.56 -16.65
C GLY A 300 16.48 -12.65 -16.72
N MET A 301 15.62 -12.62 -15.70
CA MET A 301 14.45 -11.77 -15.71
CA MET A 301 14.43 -11.79 -15.70
C MET A 301 14.48 -10.78 -14.55
N THR A 302 14.06 -9.57 -14.83
CA THR A 302 13.84 -8.55 -13.81
C THR A 302 12.42 -8.66 -13.29
N PRO A 303 12.13 -8.09 -12.12
CA PRO A 303 10.74 -7.99 -11.69
C PRO A 303 9.84 -7.37 -12.75
N THR A 304 10.30 -6.31 -13.42
CA THR A 304 9.47 -5.71 -14.47
C THR A 304 9.22 -6.70 -15.61
N ASP A 305 10.23 -7.50 -15.99
CA ASP A 305 10.01 -8.54 -16.99
C ASP A 305 8.92 -9.50 -16.55
N VAL A 306 8.94 -9.91 -15.28
CA VAL A 306 7.94 -10.86 -14.80
C VAL A 306 6.58 -10.17 -14.68
N TRP A 307 6.57 -8.90 -14.26
CA TRP A 307 5.30 -8.17 -14.33
C TRP A 307 4.71 -8.26 -15.74
N ARG A 308 5.53 -8.01 -16.74
CA ARG A 308 5.00 -7.92 -18.09
C ARG A 308 4.58 -9.27 -18.64
N LYS A 309 5.23 -10.35 -18.23
CA LYS A 309 4.85 -11.65 -18.74
C LYS A 309 3.70 -12.29 -17.96
N ASN A 310 3.67 -12.10 -16.63
CA ASN A 310 2.84 -12.94 -15.77
C ASN A 310 1.70 -12.22 -15.04
N PHE A 311 1.63 -10.90 -15.08
CA PHE A 311 0.70 -10.16 -14.25
C PHE A 311 -0.25 -9.29 -15.07
N LEU A 312 -1.40 -9.00 -14.48
CA LEU A 312 -2.35 -8.06 -15.06
C LEU A 312 -2.86 -7.17 -13.93
N ALA A 313 -2.71 -5.86 -14.08
CA ALA A 313 -3.32 -4.90 -13.16
C ALA A 313 -4.73 -4.59 -13.64
N CYS A 314 -5.67 -4.46 -12.69
CA CYS A 314 -7.09 -4.37 -12.98
C CYS A 314 -7.69 -3.18 -12.25
N TYR A 315 -8.40 -2.30 -12.98
CA TYR A 315 -8.94 -1.12 -12.33
C TYR A 315 -10.24 -0.65 -12.97
N ILE A 316 -11.03 0.07 -12.17
CA ILE A 316 -12.32 0.62 -12.57
C ILE A 316 -12.13 2.05 -13.06
N THR A 317 -11.62 2.88 -12.16
CA THR A 317 -11.41 4.29 -12.41
C THR A 317 -10.19 4.72 -11.62
N GLU A 318 -9.27 5.38 -12.29
CA GLU A 318 -8.06 5.87 -11.66
C GLU A 318 -7.40 6.85 -12.60
N PRO A 319 -7.85 8.11 -12.63
CA PRO A 319 -7.40 9.05 -13.67
C PRO A 319 -5.89 9.19 -13.76
N SER A 320 -5.17 9.18 -12.62
CA SER A 320 -3.72 9.33 -12.68
C SER A 320 -2.98 8.02 -12.95
N GLY A 321 -3.67 6.88 -12.92
CA GLY A 321 -2.99 5.61 -13.04
C GLY A 321 -2.29 5.44 -14.37
N LEU A 322 -2.85 5.99 -15.44
CA LEU A 322 -2.28 5.75 -16.75
C LEU A 322 -1.03 6.56 -17.01
N ASN A 323 -0.63 7.43 -16.07
CA ASN A 323 0.60 8.20 -16.22
C ASN A 323 1.84 7.36 -16.00
N ASN A 324 1.70 6.12 -15.54
CA ASN A 324 2.84 5.20 -15.48
C ASN A 324 2.62 3.98 -16.35
N ARG A 325 1.67 4.03 -17.29
CA ARG A 325 1.41 2.87 -18.13
C ARG A 325 2.64 2.44 -18.93
N HIS A 326 3.52 3.38 -19.29
CA HIS A 326 4.70 2.97 -20.04
C HIS A 326 5.74 2.30 -19.15
N ARG A 327 5.91 2.64 -17.93
CA ARG A 327 6.62 1.94 -16.87
C ARG A 327 6.10 0.51 -16.71
N LEU A 328 4.92 0.41 -16.50
CA LEU A 328 4.38 -0.94 -16.31
C LEU A 328 4.45 -1.74 -17.60
N GLY A 329 4.20 -1.10 -18.74
CA GLY A 329 3.89 -1.79 -19.97
C GLY A 329 2.39 -1.71 -20.17
N VAL A 330 1.93 -1.02 -21.23
CA VAL A 330 0.50 -0.80 -21.42
C VAL A 330 -0.26 -2.11 -21.64
N ASP A 331 0.43 -3.18 -22.06
CA ASP A 331 -0.21 -4.48 -22.24
C ASP A 331 -0.68 -5.09 -20.93
N THR A 332 -0.30 -4.56 -19.78
CA THR A 332 -0.56 -5.20 -18.50
C THR A 332 -1.67 -4.53 -17.71
N ILE A 333 -2.46 -3.66 -18.32
CA ILE A 333 -3.51 -2.93 -17.62
C ILE A 333 -4.86 -3.25 -18.27
N ALA A 334 -5.81 -3.73 -17.47
CA ALA A 334 -7.13 -4.11 -17.97
C ALA A 334 -8.22 -3.43 -17.16
N TRP A 335 -9.31 -3.08 -17.85
CA TRP A 335 -10.41 -2.38 -17.20
C TRP A 335 -11.38 -3.38 -16.57
N GLU A 336 -12.15 -2.91 -15.58
CA GLU A 336 -13.21 -3.71 -14.99
C GLU A 336 -14.34 -2.79 -14.58
N CYS A 337 -15.56 -3.36 -14.52
CA CYS A 337 -16.74 -2.59 -14.16
C CYS A 337 -17.09 -2.69 -12.68
N ASP A 338 -16.87 -3.87 -12.09
CA ASP A 338 -17.17 -4.18 -10.68
C ASP A 338 -18.66 -4.07 -10.38
N TYR A 339 -19.49 -4.29 -11.37
CA TYR A 339 -20.93 -4.36 -11.17
C TYR A 339 -21.25 -5.52 -10.23
N PRO A 340 -22.16 -5.33 -9.25
CA PRO A 340 -22.94 -4.15 -8.87
C PRO A 340 -22.43 -3.49 -7.59
N HIS A 341 -21.12 -3.49 -7.40
CA HIS A 341 -20.51 -2.95 -6.20
C HIS A 341 -20.61 -1.43 -6.17
N SER A 342 -20.49 -0.89 -4.94
CA SER A 342 -20.44 0.55 -4.72
C SER A 342 -19.39 1.24 -5.60
N ASP A 343 -18.30 0.57 -5.92
CA ASP A 343 -17.25 1.19 -6.72
C ASP A 343 -17.51 1.16 -8.21
N SER A 344 -18.54 0.45 -8.69
CA SER A 344 -18.80 0.39 -10.12
C SER A 344 -19.10 1.76 -10.73
N THR A 345 -18.71 1.93 -11.99
CA THR A 345 -19.09 3.12 -12.75
C THR A 345 -20.35 2.93 -13.57
N TRP A 346 -21.00 1.76 -13.47
CA TRP A 346 -22.29 1.56 -14.09
C TRP A 346 -23.24 2.69 -13.65
N PRO A 347 -24.08 3.23 -14.54
CA PRO A 347 -24.27 2.87 -15.94
C PRO A 347 -23.57 3.81 -16.91
N ARG A 348 -22.50 4.45 -16.47
CA ARG A 348 -21.74 5.38 -17.32
C ARG A 348 -20.29 4.96 -17.44
N SER A 349 -20.02 3.65 -17.50
CA SER A 349 -18.65 3.20 -17.62
C SER A 349 -17.96 3.70 -18.88
N PRO A 350 -18.58 3.68 -20.07
CA PRO A 350 -17.86 4.17 -21.25
C PRO A 350 -17.45 5.63 -21.10
N GLU A 351 -18.38 6.51 -20.72
CA GLU A 351 -18.08 7.93 -20.63
C GLU A 351 -17.02 8.21 -19.57
N THR A 352 -17.16 7.57 -18.40
CA THR A 352 -16.22 7.80 -17.30
C THR A 352 -14.82 7.34 -17.68
N LEU A 353 -14.69 6.15 -18.27
CA LEU A 353 -13.36 5.68 -18.64
C LEU A 353 -12.79 6.50 -19.80
N LYS A 354 -13.62 6.79 -20.82
CA LYS A 354 -13.12 7.51 -21.99
C LYS A 354 -12.54 8.86 -21.58
N SER A 355 -13.16 9.52 -20.62
CA SER A 355 -12.64 10.80 -20.17
C SER A 355 -11.24 10.66 -19.58
N GLU A 356 -11.00 9.58 -18.82
CA GLU A 356 -9.67 9.35 -18.24
C GLU A 356 -8.67 8.97 -19.32
N LEU A 357 -9.08 8.12 -20.26
CA LEU A 357 -8.21 7.72 -21.35
C LEU A 357 -7.81 8.94 -22.19
N ASP A 358 -8.77 9.80 -22.52
CA ASP A 358 -8.48 10.99 -23.31
C ASP A 358 -7.52 11.92 -22.57
N ALA A 359 -7.75 12.13 -21.27
CA ALA A 359 -6.87 13.02 -20.50
C ALA A 359 -5.46 12.46 -20.40
N ALA A 360 -5.32 11.13 -20.40
CA ALA A 360 -3.99 10.52 -20.43
C ALA A 360 -3.39 10.43 -21.83
N ARG A 361 -4.06 10.97 -22.85
CA ARG A 361 -3.57 10.96 -24.23
C ARG A 361 -3.36 9.55 -24.76
N CYS A 362 -4.31 8.65 -24.47
CA CYS A 362 -4.20 7.29 -24.98
C CYS A 362 -4.49 7.27 -26.47
N THR A 363 -3.65 6.57 -27.23
CA THR A 363 -3.93 6.29 -28.62
C THR A 363 -5.11 5.32 -28.73
N ASP A 364 -5.65 5.19 -29.94
CA ASP A 364 -6.70 4.20 -30.15
C ASP A 364 -6.20 2.80 -29.82
N GLU A 365 -4.97 2.48 -30.22
CA GLU A 365 -4.41 1.17 -29.89
C GLU A 365 -4.41 0.95 -28.39
N GLU A 366 -3.98 1.96 -27.63
CA GLU A 366 -3.96 1.85 -26.17
C GLU A 366 -5.36 1.73 -25.59
N VAL A 367 -6.33 2.49 -26.12
CA VAL A 367 -7.71 2.37 -25.67
C VAL A 367 -8.17 0.92 -25.78
N ASP A 368 -7.97 0.31 -26.96
CA ASP A 368 -8.41 -1.07 -27.17
C ASP A 368 -7.69 -2.03 -26.22
N LYS A 369 -6.38 -1.84 -26.02
CA LYS A 369 -5.66 -2.73 -25.10
C LYS A 369 -6.27 -2.68 -23.71
N ILE A 370 -6.50 -1.47 -23.19
CA ILE A 370 -6.97 -1.31 -21.81
C ILE A 370 -8.42 -1.77 -21.68
N THR A 371 -9.27 -1.48 -22.68
CA THR A 371 -10.69 -1.77 -22.49
C THR A 371 -11.05 -3.22 -22.81
N PHE A 372 -10.29 -3.93 -23.66
CA PHE A 372 -10.59 -5.34 -23.87
C PHE A 372 -9.45 -6.24 -24.33
N ALA A 373 -8.49 -5.73 -25.10
CA ALA A 373 -7.53 -6.63 -25.74
C ALA A 373 -6.55 -7.23 -24.75
N ASN A 374 -6.12 -6.47 -23.74
CA ASN A 374 -5.21 -7.05 -22.75
C ASN A 374 -5.89 -8.18 -22.00
N ALA A 375 -7.11 -7.94 -21.54
CA ALA A 375 -7.87 -8.96 -20.84
C ALA A 375 -8.12 -10.16 -21.73
N ALA A 376 -8.48 -9.91 -22.98
CA ALA A 376 -8.81 -11.02 -23.87
C ALA A 376 -7.60 -11.92 -24.08
N LYS A 377 -6.43 -11.34 -24.26
CA LYS A 377 -5.22 -12.15 -24.39
C LYS A 377 -4.90 -12.87 -23.08
N PHE A 378 -4.98 -12.17 -21.95
CA PHE A 378 -4.55 -12.74 -20.68
C PHE A 378 -5.43 -13.91 -20.26
N PHE A 379 -6.74 -13.81 -20.49
CA PHE A 379 -7.67 -14.86 -20.14
C PHE A 379 -7.98 -15.80 -21.31
N ASP A 380 -7.21 -15.71 -22.40
CA ASP A 380 -7.36 -16.61 -23.55
C ASP A 380 -8.81 -16.68 -23.99
N TRP A 381 -9.39 -15.50 -24.17
CA TRP A 381 -10.80 -15.38 -24.54
C TRP A 381 -11.00 -14.60 -25.82
N ASP A 382 -11.77 -15.17 -26.72
CA ASP A 382 -12.03 -14.54 -28.00
C ASP A 382 -13.29 -13.68 -27.87
N PRO A 383 -13.18 -12.35 -27.81
CA PRO A 383 -14.38 -11.54 -27.54
C PRO A 383 -15.39 -11.57 -28.66
N PHE A 384 -14.98 -11.93 -29.87
CA PHE A 384 -15.88 -11.85 -31.02
C PHE A 384 -16.23 -13.22 -31.58
N GLU A 385 -15.98 -14.30 -30.81
CA GLU A 385 -16.40 -15.62 -31.27
C GLU A 385 -17.90 -15.68 -31.51
N HIS A 386 -18.69 -15.16 -30.56
CA HIS A 386 -20.14 -15.27 -30.61
C HIS A 386 -20.83 -13.98 -30.99
N ILE A 387 -20.15 -12.85 -30.92
CA ILE A 387 -20.73 -11.55 -31.21
C ILE A 387 -19.74 -10.81 -32.10
N PRO A 388 -20.08 -10.50 -33.35
CA PRO A 388 -19.11 -9.82 -34.23
C PRO A 388 -18.68 -8.50 -33.65
N ARG A 389 -17.49 -8.04 -34.04
CA ARG A 389 -16.93 -6.85 -33.42
C ARG A 389 -17.81 -5.63 -33.65
N GLU A 390 -18.39 -5.49 -34.85
CA GLU A 390 -19.24 -4.34 -35.13
C GLU A 390 -20.52 -4.37 -34.31
N GLU A 391 -20.89 -5.54 -33.79
CA GLU A 391 -22.04 -5.68 -32.92
C GLU A 391 -21.67 -5.70 -31.44
N ALA A 392 -20.39 -5.60 -31.11
CA ALA A 392 -19.91 -5.74 -29.74
C ALA A 392 -19.51 -4.42 -29.11
N THR A 393 -19.58 -3.31 -29.85
CA THR A 393 -19.15 -2.02 -29.36
C THR A 393 -20.14 -1.47 -28.32
N VAL A 394 -19.68 -0.46 -27.59
CA VAL A 394 -20.53 0.26 -26.65
C VAL A 394 -21.80 0.71 -27.35
N GLY A 395 -21.66 1.37 -28.51
CA GLY A 395 -22.82 1.91 -29.19
C GLY A 395 -23.79 0.82 -29.64
N ALA A 396 -23.25 -0.27 -30.19
CA ALA A 396 -24.12 -1.34 -30.68
C ALA A 396 -24.87 -2.02 -29.54
N LEU A 397 -24.19 -2.28 -28.42
CA LEU A 397 -24.88 -2.93 -27.31
C LEU A 397 -25.92 -2.00 -26.68
N ARG A 398 -25.59 -0.70 -26.58
CA ARG A 398 -26.54 0.24 -26.00
C ARG A 398 -27.78 0.38 -26.87
N ALA A 399 -27.65 0.16 -28.19
CA ALA A 399 -28.81 0.19 -29.06
C ALA A 399 -29.80 -0.92 -28.77
N ARG A 400 -29.38 -2.00 -28.12
CA ARG A 400 -30.33 -3.03 -27.71
C ARG A 400 -31.05 -2.71 -26.40
N ALA A 401 -30.68 -1.63 -25.72
CA ALA A 401 -31.18 -1.40 -24.37
C ALA A 401 -31.76 0.00 -24.20
N THR A 402 -32.27 0.60 -25.28
CA THR A 402 -32.84 1.93 -25.15
C THR A 402 -34.08 1.93 -24.26
N ASP A 403 -34.68 0.76 -24.05
CA ASP A 403 -35.85 0.60 -23.19
C ASP A 403 -35.51 0.23 -21.75
N VAL A 404 -34.23 0.03 -21.43
CA VAL A 404 -33.86 -0.34 -20.06
C VAL A 404 -33.85 0.91 -19.18
N ASP A 405 -34.62 0.88 -18.10
CA ASP A 405 -34.68 2.00 -17.17
C ASP A 405 -33.46 1.93 -16.25
N ILE A 406 -32.64 2.97 -16.24
CA ILE A 406 -31.44 3.03 -15.42
C ILE A 406 -31.52 4.16 -14.40
N SER A 407 -32.71 4.71 -14.18
CA SER A 407 -32.86 5.80 -13.22
C SER A 407 -32.69 5.28 -11.79
N GLU A 408 -32.42 6.19 -10.87
CA GLU A 408 -32.32 5.83 -9.46
C GLU A 408 -33.63 5.24 -8.97
N THR A 409 -33.52 4.12 -8.26
CA THR A 409 -34.69 3.39 -7.78
C THR A 409 -34.42 2.93 -6.36
N SER A 410 -35.29 3.32 -5.43
CA SER A 410 -35.11 2.97 -4.02
C SER A 410 -35.21 1.45 -3.84
N LYS A 411 -34.44 0.93 -2.89
CA LYS A 411 -34.59 -0.47 -2.53
C LYS A 411 -36.00 -0.78 -2.05
N GLU A 412 -36.71 0.23 -1.52
CA GLU A 412 -38.11 0.02 -1.15
C GLU A 412 -39.00 -0.17 -2.37
N GLU A 413 -38.65 0.47 -3.49
CA GLU A 413 -39.48 0.27 -4.68
C GLU A 413 -39.18 -1.08 -5.32
N TYR A 414 -37.92 -1.50 -5.32
CA TYR A 414 -37.63 -2.87 -5.76
C TYR A 414 -38.37 -3.88 -4.89
N ARG A 415 -38.43 -3.64 -3.59
CA ARG A 415 -39.14 -4.56 -2.70
C ARG A 415 -40.62 -4.61 -3.04
N ARG A 416 -41.25 -3.46 -3.29
CA ARG A 416 -42.65 -3.45 -3.68
C ARG A 416 -42.87 -4.25 -4.96
N ARG A 417 -42.02 -4.04 -5.96
CA ARG A 417 -42.14 -4.80 -7.20
C ARG A 417 -41.91 -6.28 -6.93
N TYR A 418 -40.95 -6.60 -6.06
CA TYR A 418 -40.65 -7.98 -5.74
C TYR A 418 -41.83 -8.66 -5.06
N GLU A 419 -42.47 -7.96 -4.11
CA GLU A 419 -43.63 -8.53 -3.43
C GLU A 419 -44.80 -8.70 -4.39
N LEU A 420 -44.92 -7.82 -5.38
CA LEU A 420 -45.97 -8.01 -6.39
C LEU A 420 -45.67 -9.22 -7.26
N THR A 421 -44.40 -9.43 -7.59
CA THR A 421 -44.01 -10.55 -8.44
C THR A 421 -44.30 -11.91 -7.80
N HIS A 422 -44.26 -11.98 -6.48
CA HIS A 422 -44.24 -13.26 -5.77
C HIS A 422 -45.51 -13.52 -4.97
N SER A 423 -46.64 -12.99 -5.43
CA SER A 423 -47.92 -13.24 -4.78
C SER A 423 -48.95 -13.66 -5.82
N MET B 1 21.40 21.81 -15.94
CA MET B 1 22.15 21.83 -14.69
C MET B 1 23.11 20.65 -14.62
N LYS B 2 24.32 20.88 -14.14
CA LYS B 2 25.24 19.78 -13.90
C LYS B 2 25.04 19.22 -12.50
N THR B 3 25.45 17.96 -12.33
CA THR B 3 25.37 17.29 -11.03
C THR B 3 26.02 18.13 -9.93
N GLU B 4 27.19 18.55 -10.23
CA GLU B 4 27.93 19.42 -9.17
CA GLU B 4 27.88 19.37 -9.27
C GLU B 4 27.20 20.72 -8.67
N ASP B 5 26.22 21.15 -9.47
CA ASP B 5 25.57 22.40 -9.10
C ASP B 5 24.27 22.20 -8.34
N MET B 6 23.83 20.96 -8.14
CA MET B 6 22.66 20.74 -7.29
C MET B 6 22.98 21.15 -5.86
N VAL B 7 21.93 21.50 -5.12
CA VAL B 7 22.00 21.66 -3.67
C VAL B 7 21.08 20.61 -3.09
N MET B 8 21.60 19.78 -2.18
CA MET B 8 20.85 18.63 -1.70
C MET B 8 20.69 18.69 -0.18
N ILE B 9 19.44 18.80 0.25
CA ILE B 9 19.03 18.65 1.64
C ILE B 9 18.30 17.32 1.78
N SER B 10 18.66 16.55 2.81
CA SER B 10 17.95 15.31 3.12
C SER B 10 17.05 15.54 4.33
N ILE B 11 15.76 15.25 4.19
CA ILE B 11 14.85 15.38 5.35
C ILE B 11 14.60 14.03 6.03
N ASP B 12 15.47 13.04 5.80
CA ASP B 12 15.38 11.78 6.53
C ASP B 12 16.74 11.11 6.52
N ASP B 13 17.39 11.09 7.68
CA ASP B 13 18.58 10.30 7.95
C ASP B 13 18.46 9.74 9.36
N HIS B 14 19.46 8.98 9.81
CA HIS B 14 19.41 8.36 11.11
C HIS B 14 20.72 8.59 11.83
N VAL B 15 20.65 8.69 13.15
CA VAL B 15 21.85 8.86 13.96
C VAL B 15 21.96 7.72 14.96
N VAL B 16 23.19 7.25 15.17
CA VAL B 16 23.50 6.32 16.24
C VAL B 16 24.09 7.18 17.37
N GLU B 17 23.37 7.29 18.48
CA GLU B 17 23.80 8.20 19.53
C GLU B 17 25.14 7.73 20.11
N PRO B 18 26.08 8.63 20.36
CA PRO B 18 27.40 8.22 20.85
C PRO B 18 27.36 7.85 22.33
N ALA B 19 28.49 7.29 22.78
CA ALA B 19 28.53 6.66 24.10
C ALA B 19 28.33 7.65 25.23
N ASP B 20 28.64 8.94 25.02
CA ASP B 20 28.63 9.92 26.10
C ASP B 20 27.35 10.74 26.14
N ILE B 21 26.33 10.38 25.37
CA ILE B 21 25.17 11.26 25.24
C ILE B 21 24.49 11.45 26.59
N PHE B 22 24.34 10.38 27.37
CA PHE B 22 23.61 10.51 28.62
C PHE B 22 24.52 10.97 29.75
N GLU B 23 25.81 10.64 29.70
CA GLU B 23 26.78 11.26 30.59
C GLU B 23 26.71 12.77 30.49
N LYS B 24 26.51 13.30 29.29
CA LYS B 24 26.48 14.75 29.10
C LYS B 24 25.10 15.35 29.37
N HIS B 25 24.00 14.62 29.13
CA HIS B 25 22.70 15.26 29.10
C HIS B 25 21.64 14.68 30.05
N PHE B 26 21.84 13.49 30.59
CA PHE B 26 20.91 12.97 31.58
C PHE B 26 21.05 13.75 32.89
N PRO B 27 19.97 13.91 33.65
CA PRO B 27 20.06 14.65 34.91
C PRO B 27 21.05 14.00 35.87
N LYS B 28 21.88 14.82 36.50
CA LYS B 28 22.95 14.28 37.36
C LYS B 28 22.39 13.45 38.50
N SER B 29 21.29 13.91 39.11
CA SER B 29 20.68 13.21 40.22
C SER B 29 20.09 11.85 39.84
N LEU B 30 19.92 11.57 38.55
CA LEU B 30 19.39 10.29 38.11
C LEU B 30 20.42 9.46 37.35
N MET B 31 21.70 9.85 37.39
CA MET B 31 22.68 9.25 36.50
C MET B 31 22.82 7.75 36.76
N ASP B 32 22.70 7.32 38.01
CA ASP B 32 22.82 5.90 38.28
C ASP B 32 21.69 5.10 37.64
N GLN B 33 20.65 5.77 37.14
CA GLN B 33 19.56 5.10 36.45
C GLN B 33 19.55 5.40 34.95
N ALA B 34 20.57 6.09 34.44
CA ALA B 34 20.64 6.44 33.04
C ALA B 34 20.82 5.18 32.19
N PRO B 35 20.53 5.26 30.89
CA PRO B 35 20.95 4.18 29.99
C PRO B 35 22.46 3.99 30.08
N LYS B 36 22.89 2.73 30.11
CA LYS B 36 24.29 2.38 30.22
C LYS B 36 24.63 1.32 29.19
N LEU B 37 25.85 1.37 28.66
CA LEU B 37 26.26 0.40 27.65
C LEU B 37 26.59 -0.92 28.32
N THR B 38 26.25 -2.01 27.63
CA THR B 38 26.52 -3.37 28.08
C THR B 38 26.62 -4.26 26.85
N ALA B 39 27.14 -5.47 27.01
CA ALA B 39 27.17 -6.41 25.90
C ALA B 39 25.75 -6.73 25.46
N HIS B 40 25.54 -6.78 24.14
CA HIS B 40 24.23 -7.14 23.64
C HIS B 40 23.96 -8.61 23.91
N PRO B 41 22.86 -8.97 24.58
CA PRO B 41 22.61 -10.38 24.90
C PRO B 41 22.56 -11.29 23.68
N ARG B 42 22.25 -10.75 22.51
CA ARG B 42 22.18 -11.56 21.29
C ARG B 42 23.43 -11.46 20.44
N ASN B 43 24.40 -10.61 20.82
CA ASN B 43 25.67 -10.54 20.11
C ASN B 43 26.74 -9.98 21.04
N PRO B 44 27.45 -10.83 21.80
CA PRO B 44 28.36 -10.32 22.84
C PRO B 44 29.53 -9.51 22.30
N ARG B 45 29.74 -9.49 20.97
CA ARG B 45 30.84 -8.74 20.39
C ARG B 45 30.54 -7.25 20.25
N VAL B 46 29.31 -6.81 20.54
CA VAL B 46 28.97 -5.41 20.38
C VAL B 46 28.25 -4.92 21.63
N GLN B 47 28.33 -3.62 21.87
CA GLN B 47 27.65 -3.04 23.02
C GLN B 47 26.23 -2.62 22.63
N ALA B 48 25.40 -2.44 23.65
CA ALA B 48 24.01 -2.07 23.49
C ALA B 48 23.58 -1.30 24.72
N TRP B 49 22.43 -0.64 24.62
CA TRP B 49 21.98 0.25 25.68
C TRP B 49 21.07 -0.51 26.65
N GLN B 50 21.45 -0.53 27.92
CA GLN B 50 20.59 -1.08 28.98
C GLN B 50 19.84 0.05 29.67
N PHE B 51 18.52 -0.08 29.74
CA PHE B 51 17.68 0.95 30.36
C PHE B 51 16.42 0.29 30.89
N GLN B 52 16.17 0.46 32.19
CA GLN B 52 14.94 -0.03 32.82
C GLN B 52 14.73 -1.51 32.54
N GLY B 53 15.79 -2.30 32.65
CA GLY B 53 15.68 -3.75 32.51
C GLY B 53 15.49 -4.24 31.09
N THR B 54 15.76 -3.39 30.11
CA THR B 54 15.76 -3.81 28.72
C THR B 54 17.09 -3.45 28.12
N VAL B 55 17.45 -4.13 27.03
CA VAL B 55 18.70 -3.90 26.34
C VAL B 55 18.41 -3.82 24.85
N VAL B 56 18.73 -2.69 24.21
CA VAL B 56 18.48 -2.51 22.79
C VAL B 56 19.73 -2.01 22.11
N GLY B 57 20.03 -2.54 20.92
CA GLY B 57 21.17 -2.13 20.13
C GLY B 57 20.77 -1.82 18.71
N SER B 58 21.75 -1.36 17.94
CA SER B 58 21.50 -1.05 16.53
C SER B 58 21.36 -2.33 15.71
N SER B 59 20.53 -2.25 14.68
CA SER B 59 20.36 -3.32 13.72
C SER B 59 21.40 -3.20 12.62
N GLY B 60 21.90 -4.33 12.14
CA GLY B 60 22.89 -4.34 11.08
C GLY B 60 22.37 -3.98 9.70
N LEU B 61 21.10 -3.58 9.59
CA LEU B 61 20.60 -2.99 8.34
C LEU B 61 20.53 -1.47 8.41
N ASN B 62 20.83 -0.88 9.56
CA ASN B 62 20.68 0.56 9.75
C ASN B 62 21.99 1.33 9.90
N ALA B 63 23.14 0.67 9.79
CA ALA B 63 24.41 1.39 9.86
C ALA B 63 25.40 0.71 8.92
N VAL B 64 24.96 0.46 7.68
CA VAL B 64 25.70 -0.40 6.75
C VAL B 64 26.74 0.36 5.95
N VAL B 65 26.84 1.66 6.16
CA VAL B 65 27.56 2.52 5.24
C VAL B 65 29.01 2.04 5.10
N SER B 66 29.43 1.79 3.86
CA SER B 66 30.71 1.27 3.38
C SER B 66 30.91 -0.23 3.60
N TRP B 67 30.03 -0.93 4.33
CA TRP B 67 30.20 -2.37 4.49
C TRP B 67 29.98 -3.09 3.17
N PRO B 68 30.73 -4.17 2.89
CA PRO B 68 30.33 -5.08 1.83
C PRO B 68 28.91 -5.59 2.07
N LYS B 69 28.17 -5.74 0.96
CA LYS B 69 26.77 -6.12 1.07
C LYS B 69 26.57 -7.42 1.83
N HIS B 70 27.49 -8.38 1.67
CA HIS B 70 27.30 -9.66 2.35
C HIS B 70 27.38 -9.53 3.86
N GLU B 71 27.84 -8.38 4.38
CA GLU B 71 27.88 -8.14 5.81
C GLU B 71 26.62 -7.49 6.35
N TRP B 72 25.74 -7.01 5.48
CA TRP B 72 24.47 -6.45 5.92
C TRP B 72 23.55 -7.53 6.46
N GLY B 73 22.89 -7.26 7.58
CA GLY B 73 22.05 -8.30 8.15
C GLY B 73 21.26 -7.77 9.33
N MET B 74 20.41 -8.62 9.87
CA MET B 74 19.59 -8.19 11.01
C MET B 74 20.25 -8.46 12.35
N ASP B 75 21.45 -9.02 12.38
CA ASP B 75 22.13 -9.19 13.65
C ASP B 75 22.46 -7.83 14.26
N PRO B 76 22.46 -7.75 15.59
CA PRO B 76 22.87 -6.50 16.25
C PRO B 76 24.26 -6.08 15.81
N THR B 77 24.47 -4.78 15.72
CA THR B 77 25.80 -4.25 15.44
C THR B 77 26.08 -3.14 16.46
N GLY B 78 27.30 -2.63 16.45
CA GLY B 78 27.64 -1.67 17.47
C GLY B 78 28.77 -0.79 17.04
N TYR B 79 29.14 0.14 17.95
CA TYR B 79 30.14 1.15 17.63
C TYR B 79 31.37 0.53 16.95
N ALA B 80 31.86 -0.58 17.50
CA ALA B 80 33.11 -1.13 17.01
C ALA B 80 33.05 -1.48 15.53
N GLU B 81 31.88 -1.91 15.04
CA GLU B 81 31.72 -2.35 13.66
C GLU B 81 31.31 -1.24 12.70
N MET B 82 30.91 -0.09 13.20
CA MET B 82 30.36 0.96 12.35
C MET B 82 31.44 1.88 11.81
N ARG B 83 31.23 2.36 10.60
CA ARG B 83 31.99 3.50 10.13
C ARG B 83 31.80 4.63 11.15
N PRO B 84 32.88 5.28 11.61
CA PRO B 84 32.74 6.22 12.74
C PRO B 84 31.76 7.33 12.46
N ALA B 85 31.62 7.74 11.19
CA ALA B 85 30.68 8.79 10.82
C ALA B 85 29.23 8.47 11.22
N VAL B 86 28.90 7.20 11.46
CA VAL B 86 27.49 6.95 11.79
C VAL B 86 27.18 7.41 13.21
N TYR B 87 28.17 7.45 14.12
CA TYR B 87 27.91 7.93 15.47
C TYR B 87 28.71 9.16 15.88
N ASP B 88 29.72 9.56 15.10
CA ASP B 88 30.57 10.71 15.40
C ASP B 88 30.18 11.83 14.44
N MET B 89 29.56 12.88 14.97
CA MET B 89 29.02 13.88 14.06
C MET B 89 30.10 14.73 13.39
N ASP B 90 31.31 14.81 13.97
CA ASP B 90 32.43 15.42 13.23
C ASP B 90 32.77 14.61 11.98
N MET B 91 32.74 13.30 12.07
CA MET B 91 33.00 12.47 10.89
C MET B 91 31.76 12.40 10.00
N ARG B 92 30.57 12.53 10.58
CA ARG B 92 29.35 12.53 9.78
C ARG B 92 29.36 13.66 8.75
N VAL B 93 29.76 14.87 9.16
CA VAL B 93 29.72 15.98 8.23
C VAL B 93 30.73 15.80 7.10
N ARG B 94 31.84 15.12 7.37
CA ARG B 94 32.76 14.79 6.27
C ARG B 94 32.14 13.78 5.31
N ASP B 95 31.42 12.78 5.82
CA ASP B 95 30.72 11.87 4.92
C ASP B 95 29.61 12.59 4.16
N MET B 96 28.99 13.61 4.77
CA MET B 96 28.00 14.38 4.03
C MET B 96 28.67 15.20 2.93
N ASP B 97 29.81 15.85 3.24
CA ASP B 97 30.60 16.53 2.21
C ASP B 97 30.91 15.59 1.06
N ALA B 98 31.39 14.37 1.36
CA ALA B 98 31.78 13.45 0.29
C ALA B 98 30.59 13.09 -0.59
N ASN B 99 29.39 13.09 -0.02
CA ASN B 99 28.18 12.76 -0.76
C ASN B 99 27.48 13.98 -1.37
N GLY B 100 28.05 15.17 -1.24
CA GLY B 100 27.38 16.37 -1.73
C GLY B 100 26.14 16.78 -0.96
N THR B 101 26.00 16.37 0.30
CA THR B 101 24.78 16.57 1.08
C THR B 101 24.96 17.79 1.98
N LEU B 102 24.14 18.81 1.77
CA LEU B 102 24.27 20.03 2.57
C LEU B 102 23.75 19.82 3.98
N ALA B 103 22.59 19.21 4.13
CA ALA B 103 21.96 19.09 5.43
C ALA B 103 21.25 17.76 5.55
N ALA B 104 21.18 17.27 6.79
CA ALA B 104 20.53 16.00 7.10
C ALA B 104 19.58 16.21 8.26
N THR B 105 18.68 15.24 8.45
CA THR B 105 17.63 15.35 9.46
C THR B 105 17.65 14.07 10.28
N LEU B 106 18.12 14.14 11.53
CA LEU B 106 18.60 12.95 12.25
C LEU B 106 17.49 12.30 13.09
N PHE B 107 16.93 11.20 12.59
CA PHE B 107 16.03 10.36 13.37
C PHE B 107 16.82 9.46 14.33
N ALA B 108 16.25 9.24 15.53
CA ALA B 108 16.95 8.60 16.63
C ALA B 108 17.07 7.09 16.45
N THR B 109 18.06 6.52 17.13
CA THR B 109 18.16 5.06 17.24
C THR B 109 17.67 4.56 18.60
N PHE B 110 18.38 4.88 19.68
CA PHE B 110 18.09 4.27 20.98
C PHE B 110 16.67 4.53 21.47
N PRO B 111 16.15 5.77 21.51
CA PRO B 111 14.78 5.93 22.03
C PRO B 111 13.71 5.40 21.08
N GLY B 112 14.10 4.91 19.90
CA GLY B 112 13.15 4.71 18.82
C GLY B 112 13.11 5.96 17.96
N PHE B 113 13.03 5.81 16.64
CA PHE B 113 13.03 7.01 15.82
C PHE B 113 11.78 7.85 16.06
N ALA B 114 10.75 7.28 16.67
CA ALA B 114 9.58 8.03 17.12
C ALA B 114 9.43 7.97 18.64
N GLY B 115 10.47 7.55 19.35
CA GLY B 115 10.43 7.55 20.81
C GLY B 115 9.65 6.42 21.43
N THR B 116 9.22 5.42 20.63
CA THR B 116 8.38 4.37 21.19
C THR B 116 9.13 3.46 22.15
N HIS B 117 10.47 3.40 22.08
CA HIS B 117 11.17 2.59 23.07
C HIS B 117 11.04 3.20 24.44
N LEU B 118 11.18 4.54 24.54
CA LEU B 118 11.00 5.19 25.83
C LEU B 118 9.58 5.04 26.32
N ALA B 119 8.62 5.11 25.38
CA ALA B 119 7.23 4.98 25.77
C ALA B 119 6.88 3.57 26.25
N SER B 120 7.69 2.57 25.92
CA SER B 120 7.39 1.21 26.32
C SER B 120 7.81 0.91 27.75
N LEU B 121 8.58 1.80 28.39
CA LEU B 121 9.17 1.40 29.65
C LEU B 121 8.28 1.83 30.82
N PRO B 122 8.38 1.12 31.96
CA PRO B 122 7.44 1.35 33.07
C PRO B 122 7.64 2.64 33.84
N ASP B 123 8.88 3.09 34.05
CA ASP B 123 9.14 4.29 34.84
C ASP B 123 9.12 5.49 33.91
N LYS B 124 8.02 6.23 33.91
CA LYS B 124 7.86 7.34 32.97
C LYS B 124 8.64 8.59 33.38
N LYS B 125 9.02 8.73 34.64
CA LYS B 125 9.94 9.81 34.99
C LYS B 125 11.28 9.60 34.32
N LEU B 126 11.79 8.37 34.37
CA LEU B 126 13.05 8.07 33.69
C LEU B 126 12.89 8.17 32.17
N SER B 127 11.73 7.78 31.64
CA SER B 127 11.55 7.89 30.20
C SER B 127 11.48 9.34 29.76
N LEU B 128 10.79 10.19 30.53
CA LEU B 128 10.78 11.61 30.23
C LEU B 128 12.19 12.18 30.25
N ALA B 129 12.96 11.84 31.28
CA ALA B 129 14.32 12.34 31.39
C ALA B 129 15.17 11.91 30.20
N ALA B 130 15.02 10.66 29.75
CA ALA B 130 15.77 10.20 28.59
C ALA B 130 15.33 10.93 27.33
N CYS B 131 14.03 11.20 27.19
CA CYS B 131 13.55 11.96 26.04
C CYS B 131 14.16 13.35 26.03
N ARG B 132 14.15 14.04 27.17
CA ARG B 132 14.68 15.39 27.21
C ARG B 132 16.19 15.40 26.99
N ALA B 133 16.89 14.40 27.50
CA ALA B 133 18.34 14.36 27.30
C ALA B 133 18.68 14.13 25.84
N PHE B 134 17.93 13.25 25.17
CA PHE B 134 18.17 13.01 23.75
C PHE B 134 17.89 14.28 22.94
N ASN B 135 16.75 14.92 23.17
CA ASN B 135 16.46 16.19 22.50
C ASN B 135 17.53 17.23 22.78
N ASP B 136 17.99 17.33 24.03
CA ASP B 136 19.08 18.27 24.31
C ASP B 136 20.27 18.01 23.41
N TRP B 137 20.59 16.74 23.17
CA TRP B 137 21.73 16.41 22.32
C TRP B 137 21.41 16.67 20.85
N VAL B 138 20.31 16.11 20.34
CA VAL B 138 20.14 16.08 18.89
C VAL B 138 19.53 17.37 18.35
N VAL B 139 18.75 18.10 19.17
CA VAL B 139 18.20 19.40 18.74
C VAL B 139 19.13 20.54 19.13
N GLY B 140 19.73 20.46 20.32
CA GLY B 140 20.57 21.53 20.80
C GLY B 140 22.03 21.41 20.43
N GLU B 141 22.71 20.38 20.95
CA GLU B 141 24.16 20.34 20.80
C GLU B 141 24.58 20.11 19.35
N VAL B 142 23.99 19.12 18.68
CA VAL B 142 24.52 18.73 17.36
C VAL B 142 24.31 19.84 16.32
N PRO B 143 23.11 20.40 16.15
CA PRO B 143 22.97 21.49 15.18
C PRO B 143 23.80 22.72 15.53
N ASP B 144 23.99 23.02 16.81
CA ASP B 144 24.82 24.16 17.16
C ASP B 144 26.27 23.90 16.80
N ALA B 145 26.75 22.67 17.00
CA ALA B 145 28.13 22.34 16.72
C ALA B 145 28.44 22.35 15.23
N HIS B 146 27.45 22.15 14.37
CA HIS B 146 27.65 22.07 12.92
C HIS B 146 26.60 22.92 12.24
N PRO B 147 26.71 24.24 12.34
CA PRO B 147 25.63 25.12 11.87
C PRO B 147 25.34 24.90 10.40
N GLY B 148 24.05 24.81 10.06
CA GLY B 148 23.67 24.70 8.68
C GLY B 148 23.74 23.31 8.10
N ARG B 149 24.15 22.30 8.88
CA ARG B 149 24.25 20.93 8.38
C ARG B 149 23.14 20.01 8.88
N PHE B 150 22.39 20.39 9.92
CA PHE B 150 21.36 19.52 10.47
C PHE B 150 20.08 20.30 10.70
N ILE B 151 18.98 19.79 10.15
CA ILE B 151 17.66 20.35 10.38
C ILE B 151 17.17 19.76 11.70
N PRO B 152 16.99 20.56 12.74
CA PRO B 152 16.71 20.01 14.07
C PRO B 152 15.37 19.29 14.12
N ILE B 153 15.40 18.02 14.55
CA ILE B 153 14.20 17.20 14.68
C ILE B 153 14.26 16.45 16.00
N GLY B 154 13.14 16.42 16.74
CA GLY B 154 13.11 15.80 18.05
C GLY B 154 11.99 14.79 18.18
N ILE B 155 11.92 14.18 19.38
CA ILE B 155 10.87 13.25 19.75
C ILE B 155 10.13 13.81 20.97
N ILE B 156 9.02 13.18 21.31
CA ILE B 156 8.22 13.64 22.46
C ILE B 156 7.86 12.47 23.34
N PRO B 157 7.61 12.73 24.63
CA PRO B 157 7.11 11.69 25.54
C PRO B 157 5.61 11.48 25.34
N PHE B 158 5.26 10.90 24.19
CA PHE B 158 3.88 10.91 23.73
C PHE B 158 2.95 10.06 24.58
N PHE B 159 3.48 9.29 25.54
CA PHE B 159 2.66 8.61 26.53
C PHE B 159 1.96 9.59 27.48
N ASP B 160 2.30 10.87 27.46
CA ASP B 160 1.71 11.87 28.35
C ASP B 160 1.51 13.14 27.55
N ALA B 161 0.25 13.51 27.32
CA ALA B 161 -0.04 14.61 26.40
C ALA B 161 0.43 15.95 26.95
N ASP B 162 0.21 16.19 28.25
CA ASP B 162 0.66 17.44 28.86
C ASP B 162 2.18 17.56 28.82
N GLU B 163 2.90 16.48 29.15
CA GLU B 163 4.35 16.55 29.07
C GLU B 163 4.81 16.70 27.62
N SER B 164 4.05 16.15 26.66
CA SER B 164 4.42 16.31 25.26
C SER B 164 4.25 17.75 24.82
N VAL B 165 3.16 18.41 25.22
CA VAL B 165 2.98 19.82 24.88
C VAL B 165 4.11 20.65 25.48
N ALA B 166 4.42 20.40 26.76
CA ALA B 166 5.49 21.15 27.40
C ALA B 166 6.82 20.95 26.66
N GLU B 167 7.05 19.74 26.17
CA GLU B 167 8.32 19.47 25.50
C GLU B 167 8.38 20.12 24.13
N VAL B 168 7.25 20.15 23.40
CA VAL B 168 7.23 20.86 22.12
C VAL B 168 7.61 22.32 22.32
N HIS B 169 7.03 22.97 23.32
CA HIS B 169 7.37 24.36 23.57
C HIS B 169 8.84 24.51 23.95
N ARG B 170 9.37 23.56 24.71
CA ARG B 170 10.75 23.67 25.17
C ARG B 170 11.73 23.49 24.02
N ILE B 171 11.51 22.48 23.16
CA ILE B 171 12.45 22.26 22.07
C ILE B 171 12.21 23.22 20.91
N ALA B 172 11.00 23.77 20.78
CA ALA B 172 10.81 24.83 19.79
C ALA B 172 11.74 26.01 20.06
N ALA B 173 11.96 26.34 21.32
CA ALA B 173 12.86 27.45 21.65
C ALA B 173 14.31 27.11 21.32
N MET B 174 14.64 25.83 21.16
CA MET B 174 15.97 25.43 20.77
C MET B 174 16.14 25.35 19.25
N GLY B 175 15.09 25.64 18.49
CA GLY B 175 15.16 25.61 17.05
C GLY B 175 14.56 24.39 16.38
N CYS B 176 13.91 23.51 17.16
CA CYS B 176 13.29 22.32 16.60
C CYS B 176 12.36 22.69 15.44
N ARG B 177 12.49 21.95 14.33
CA ARG B 177 11.65 22.20 13.16
C ARG B 177 10.67 21.07 12.92
N SER B 178 10.85 19.91 13.56
CA SER B 178 9.96 18.79 13.36
C SER B 178 9.98 17.93 14.61
N ILE B 179 8.87 17.25 14.88
CA ILE B 179 8.89 16.15 15.83
C ILE B 179 8.54 14.86 15.09
N SER B 180 9.30 13.81 15.36
CA SER B 180 8.99 12.49 14.85
C SER B 180 8.04 11.80 15.83
N ILE B 181 6.84 11.45 15.36
CA ILE B 181 5.85 10.80 16.21
C ILE B 181 5.45 9.50 15.54
N PRO B 182 4.91 8.53 16.28
CA PRO B 182 4.56 7.24 15.68
C PRO B 182 3.49 7.39 14.60
N GLU B 183 3.74 6.80 13.44
CA GLU B 183 2.83 7.01 12.32
C GLU B 183 1.48 6.33 12.55
N THR B 184 1.46 5.20 13.25
CA THR B 184 0.22 4.45 13.53
C THR B 184 0.24 4.12 15.01
N PRO B 185 -0.12 5.08 15.86
CA PRO B 185 0.06 4.91 17.32
C PRO B 185 -0.68 3.73 17.88
N TYR B 186 -1.82 3.34 17.28
CA TYR B 186 -2.60 2.22 17.79
C TYR B 186 -1.89 0.88 17.61
N GLY B 187 -0.84 0.82 16.79
CA GLY B 187 -0.03 -0.38 16.64
C GLY B 187 1.20 -0.45 17.52
N VAL B 188 1.43 0.57 18.33
CA VAL B 188 2.63 0.65 19.17
C VAL B 188 2.36 -0.07 20.49
N GLY B 189 3.12 -1.14 20.75
CA GLY B 189 2.95 -1.87 22.00
C GLY B 189 1.54 -2.39 22.13
N GLU B 190 0.94 -2.19 23.30
CA GLU B 190 -0.46 -2.55 23.46
C GLU B 190 -1.40 -1.53 22.82
N GLY B 191 -0.85 -0.45 22.26
CA GLY B 191 -1.69 0.53 21.59
C GLY B 191 -1.76 1.84 22.32
N PHE B 192 -1.44 2.93 21.63
CA PHE B 192 -1.67 4.28 22.11
C PHE B 192 -2.83 4.91 21.34
N PRO B 193 -3.38 6.02 21.82
CA PRO B 193 -4.57 6.60 21.18
C PRO B 193 -4.33 6.98 19.72
N ASP B 194 -5.35 6.82 18.89
CA ASP B 194 -5.19 7.17 17.49
C ASP B 194 -5.44 8.65 17.25
N PHE B 195 -5.12 9.11 16.03
CA PHE B 195 -5.18 10.53 15.72
C PHE B 195 -6.61 11.06 15.72
N LYS B 196 -7.58 10.19 15.47
CA LYS B 196 -8.99 10.59 15.42
C LYS B 196 -9.57 10.80 16.81
N SER B 197 -8.92 10.25 17.83
CA SER B 197 -9.50 10.25 19.17
C SER B 197 -9.48 11.64 19.81
N GLY B 198 -8.64 12.54 19.31
CA GLY B 198 -8.44 13.84 19.94
C GLY B 198 -7.30 13.91 20.93
N TYR B 199 -6.73 12.76 21.32
CA TYR B 199 -5.64 12.73 22.28
C TYR B 199 -4.46 13.59 21.83
N TRP B 200 -4.17 13.59 20.53
CA TRP B 200 -3.02 14.30 19.98
C TRP B 200 -3.30 15.77 19.72
N ASP B 201 -4.54 16.21 19.90
CA ASP B 201 -4.90 17.57 19.51
C ASP B 201 -4.05 18.63 20.20
N PRO B 202 -3.80 18.57 21.52
CA PRO B 202 -2.96 19.62 22.12
C PRO B 202 -1.54 19.57 21.62
N ILE B 203 -1.06 18.40 21.19
CA ILE B 203 0.27 18.32 20.58
C ILE B 203 0.26 18.97 19.20
N PHE B 204 -0.71 18.60 18.36
CA PHE B 204 -0.89 19.27 17.07
C PHE B 204 -0.98 20.78 17.22
N LYS B 205 -1.73 21.23 18.22
CA LYS B 205 -1.92 22.67 18.42
C LYS B 205 -0.58 23.35 18.71
N ALA B 206 0.23 22.74 19.59
CA ALA B 206 1.52 23.31 19.93
C ALA B 206 2.45 23.34 18.73
N CYS B 207 2.43 22.29 17.91
CA CYS B 207 3.27 22.25 16.71
C CYS B 207 2.91 23.36 15.75
N VAL B 208 1.62 23.59 15.53
CA VAL B 208 1.21 24.65 14.60
C VAL B 208 1.67 26.01 15.12
N GLU B 209 1.59 26.22 16.43
CA GLU B 209 2.01 27.51 16.98
C GLU B 209 3.49 27.80 16.73
N HIS B 210 4.31 26.77 16.54
CA HIS B 210 5.73 26.95 16.26
C HIS B 210 6.08 26.57 14.82
N ASN B 211 5.09 26.29 13.98
CA ASN B 211 5.31 25.83 12.60
C ASN B 211 6.22 24.59 12.57
N ILE B 212 5.99 23.66 13.49
CA ILE B 212 6.80 22.43 13.60
C ILE B 212 6.10 21.32 12.82
N VAL B 213 6.87 20.64 11.95
CA VAL B 213 6.35 19.58 11.09
C VAL B 213 6.22 18.28 11.88
N LEU B 214 5.13 17.54 11.65
CA LEU B 214 5.02 16.16 12.14
C LEU B 214 5.70 15.26 11.13
N SER B 215 6.80 14.60 11.53
CA SER B 215 7.42 13.58 10.69
C SER B 215 6.83 12.22 11.06
N LEU B 216 6.20 11.57 10.10
CA LEU B 216 5.61 10.25 10.27
C LEU B 216 6.48 9.28 9.49
N HIS B 217 7.48 8.72 10.14
CA HIS B 217 8.46 7.86 9.48
C HIS B 217 7.93 6.43 9.37
N ILE B 218 8.26 5.78 8.25
CA ILE B 218 7.86 4.38 8.07
C ILE B 218 8.41 3.51 9.20
N GLY B 219 7.77 2.36 9.40
CA GLY B 219 8.18 1.39 10.40
C GLY B 219 7.08 1.04 11.39
N GLY B 220 6.03 1.86 11.49
CA GLY B 220 4.93 1.53 12.38
C GLY B 220 3.86 0.77 11.64
N GLY B 221 3.60 1.19 10.40
CA GLY B 221 2.58 0.52 9.58
C GLY B 221 2.85 -0.97 9.41
N ILE B 222 4.11 -1.36 9.21
CA ILE B 222 4.44 -2.76 9.00
C ILE B 222 4.05 -3.60 10.22
N ASN B 223 4.14 -3.03 11.42
CA ASN B 223 3.76 -3.79 12.62
C ASN B 223 2.26 -3.98 12.77
N LEU B 224 1.44 -3.38 11.90
CA LEU B 224 0.01 -3.65 11.84
C LEU B 224 -0.35 -4.85 11.00
N VAL B 225 0.57 -5.35 10.17
CA VAL B 225 0.24 -6.31 9.12
C VAL B 225 0.61 -7.72 9.59
N LYS B 226 -0.41 -8.57 9.74
CA LYS B 226 -0.16 -9.99 9.99
C LYS B 226 0.65 -10.57 8.86
N ARG B 227 1.66 -11.36 9.21
CA ARG B 227 2.47 -12.08 8.25
C ARG B 227 2.34 -13.58 8.54
N PRO B 228 2.70 -14.40 7.57
CA PRO B 228 2.67 -15.84 7.82
C PRO B 228 3.71 -16.18 8.86
N GLU B 229 3.64 -17.39 9.40
CA GLU B 229 4.58 -17.81 10.42
C GLU B 229 6.01 -17.92 9.92
N GLY B 230 6.19 -18.23 8.65
CA GLY B 230 7.48 -18.32 7.99
C GLY B 230 8.00 -16.98 7.49
N PHE B 231 8.91 -16.43 8.25
CA PHE B 231 9.56 -15.15 8.01
C PHE B 231 10.43 -15.02 6.75
N ASP B 232 10.23 -13.96 5.98
CA ASP B 232 11.06 -13.70 4.83
C ASP B 232 11.52 -12.29 4.99
N ILE B 233 12.79 -12.12 5.34
CA ILE B 233 13.41 -10.84 5.48
C ILE B 233 13.13 -10.00 4.24
N ASP B 234 13.35 -10.58 3.09
CA ASP B 234 13.06 -9.90 1.87
C ASP B 234 11.62 -9.43 1.83
N ASN B 235 10.66 -10.22 2.27
CA ASN B 235 9.27 -9.78 2.23
C ASN B 235 9.06 -8.56 3.11
N MET B 236 9.59 -8.61 4.33
CA MET B 236 9.54 -7.45 5.21
C MET B 236 10.22 -6.25 4.57
N LEU B 237 11.46 -6.43 4.09
CA LEU B 237 12.19 -5.32 3.50
C LEU B 237 11.48 -4.75 2.28
N MET B 238 10.68 -5.56 1.60
CA MET B 238 9.99 -5.05 0.42
C MET B 238 8.74 -4.26 0.80
N LEU B 239 8.00 -4.72 1.82
CA LEU B 239 6.70 -4.12 2.14
C LEU B 239 6.85 -2.89 3.00
N THR B 240 7.84 -2.87 3.91
CA THR B 240 7.93 -1.84 4.94
C THR B 240 7.84 -0.40 4.41
N PRO B 241 8.53 -0.01 3.34
CA PRO B 241 8.42 1.38 2.87
C PRO B 241 7.29 1.67 1.91
N LEU B 242 6.42 0.70 1.59
CA LEU B 242 5.45 0.89 0.52
C LEU B 242 4.02 1.04 1.02
N ILE B 243 3.80 1.15 2.34
CA ILE B 243 2.45 1.14 2.90
C ILE B 243 2.21 2.37 3.79
N SER B 244 2.79 3.51 3.41
CA SER B 244 2.50 4.79 4.05
C SER B 244 1.07 5.24 3.81
N THR B 245 0.36 4.58 2.90
CA THR B 245 -1.06 4.81 2.68
C THR B 245 -1.86 4.72 3.97
N ILE B 246 -1.48 3.80 4.86
CA ILE B 246 -2.26 3.59 6.09
C ILE B 246 -2.22 4.84 6.97
N ALA B 247 -1.01 5.26 7.37
CA ALA B 247 -0.92 6.39 8.28
C ALA B 247 -1.42 7.68 7.65
N ALA B 248 -1.23 7.84 6.33
CA ALA B 248 -1.74 9.03 5.66
C ALA B 248 -3.26 9.06 5.64
N THR B 249 -3.89 7.93 5.37
CA THR B 249 -5.35 7.82 5.48
C THR B 249 -5.83 8.13 6.89
N ASP B 250 -5.17 7.54 7.90
CA ASP B 250 -5.52 7.84 9.29
C ASP B 250 -5.46 9.34 9.56
N MET B 251 -4.39 10.01 9.13
CA MET B 251 -4.24 11.44 9.41
C MET B 251 -5.27 12.25 8.64
N MET B 252 -5.42 11.96 7.34
CA MET B 252 -6.40 12.65 6.52
C MET B 252 -7.80 12.50 7.11
N LEU B 253 -8.24 11.28 7.39
CA LEU B 253 -9.61 11.08 7.83
C LEU B 253 -9.82 11.43 9.29
N SER B 254 -8.77 11.77 10.04
CA SER B 254 -8.92 12.03 11.46
C SER B 254 -9.69 13.31 11.74
N GLY B 255 -9.76 14.21 10.76
CA GLY B 255 -10.29 15.54 10.98
C GLY B 255 -9.27 16.54 11.46
N ALA B 256 -8.01 16.13 11.63
CA ALA B 256 -6.99 17.03 12.17
C ALA B 256 -6.84 18.28 11.31
N PHE B 257 -6.95 18.14 9.99
CA PHE B 257 -6.78 19.32 9.15
C PHE B 257 -8.00 20.23 9.20
N LYS B 258 -9.17 19.70 9.54
CA LYS B 258 -10.30 20.58 9.78
C LYS B 258 -10.09 21.38 11.06
N LYS B 259 -9.57 20.74 12.11
CA LYS B 259 -9.30 21.46 13.35
CA LYS B 259 -9.31 21.45 13.35
C LYS B 259 -8.04 22.29 13.28
N PHE B 260 -7.02 21.82 12.54
CA PHE B 260 -5.72 22.50 12.45
C PHE B 260 -5.34 22.68 10.98
N PRO B 261 -5.91 23.69 10.31
CA PRO B 261 -5.72 23.82 8.86
C PRO B 261 -4.27 24.04 8.42
N ASP B 262 -3.38 24.49 9.31
CA ASP B 262 -2.00 24.73 8.93
C ASP B 262 -1.06 23.61 9.33
N LEU B 263 -1.57 22.52 9.88
CA LEU B 263 -0.73 21.43 10.35
C LEU B 263 0.03 20.80 9.18
N LYS B 264 1.30 20.47 9.42
CA LYS B 264 2.19 19.95 8.37
C LYS B 264 2.63 18.53 8.71
N VAL B 265 2.57 17.65 7.73
CA VAL B 265 2.86 16.23 7.89
C VAL B 265 3.84 15.83 6.80
N ALA B 266 5.03 15.34 7.19
CA ALA B 266 5.98 14.76 6.25
C ALA B 266 5.97 13.25 6.40
N MET B 267 5.77 12.53 5.28
CA MET B 267 5.69 11.08 5.32
C MET B 267 7.08 10.49 5.08
N SER B 268 7.89 10.54 6.12
CA SER B 268 9.33 10.30 5.99
C SER B 268 9.61 8.88 5.52
N GLU B 269 10.50 8.77 4.54
CA GLU B 269 10.90 7.50 3.91
C GLU B 269 9.72 6.78 3.28
N GLY B 270 8.61 7.46 3.01
CA GLY B 270 7.46 6.79 2.48
C GLY B 270 7.41 6.59 0.99
N GLY B 271 8.32 7.19 0.22
CA GLY B 271 8.29 7.13 -1.23
C GLY B 271 7.25 8.09 -1.80
N VAL B 272 7.04 8.01 -3.12
CA VAL B 272 6.15 8.93 -3.82
C VAL B 272 4.95 8.24 -4.44
N GLY B 273 5.16 7.07 -5.06
CA GLY B 273 4.13 6.47 -5.91
C GLY B 273 2.83 6.13 -5.22
N TRP B 274 2.85 5.94 -3.90
CA TRP B 274 1.62 5.63 -3.20
C TRP B 274 0.63 6.79 -3.22
N VAL B 275 1.10 8.02 -3.40
CA VAL B 275 0.24 9.19 -3.22
C VAL B 275 -0.83 9.27 -4.32
N ALA B 276 -0.42 9.17 -5.59
CA ALA B 276 -1.37 9.41 -6.67
C ALA B 276 -2.61 8.52 -6.63
N PRO B 277 -2.51 7.19 -6.52
CA PRO B 277 -3.74 6.39 -6.46
C PRO B 277 -4.58 6.68 -5.24
N TRP B 278 -3.92 7.06 -4.15
CA TRP B 278 -4.62 7.36 -2.90
C TRP B 278 -5.39 8.68 -3.03
N LEU B 279 -4.77 9.69 -3.64
CA LEU B 279 -5.48 10.95 -3.87
C LEU B 279 -6.65 10.76 -4.82
N ASP B 280 -6.47 9.94 -5.87
CA ASP B 280 -7.59 9.67 -6.78
C ASP B 280 -8.77 9.09 -6.02
N ARG B 281 -8.52 8.12 -5.14
CA ARG B 281 -9.61 7.51 -4.38
C ARG B 281 -10.21 8.47 -3.36
N LEU B 282 -9.36 9.27 -2.69
CA LEU B 282 -9.90 10.24 -1.75
C LEU B 282 -10.69 11.32 -2.47
N ASP B 283 -10.17 11.83 -3.59
CA ASP B 283 -10.90 12.85 -4.36
C ASP B 283 -12.24 12.33 -4.80
N ARG B 284 -12.29 11.08 -5.25
CA ARG B 284 -13.55 10.48 -5.69
CA ARG B 284 -13.54 10.48 -5.68
C ARG B 284 -14.50 10.30 -4.51
N HIS B 285 -14.00 9.80 -3.39
CA HIS B 285 -14.84 9.61 -2.21
C HIS B 285 -15.50 10.93 -1.78
N ILE B 286 -14.74 12.02 -1.77
CA ILE B 286 -15.27 13.30 -1.32
C ILE B 286 -16.30 13.83 -2.31
N VAL B 287 -16.10 13.57 -3.61
CA VAL B 287 -17.13 13.92 -4.58
C VAL B 287 -18.38 13.09 -4.34
N ASN B 288 -18.22 11.77 -4.23
CA ASN B 288 -19.38 10.90 -4.12
C ASN B 288 -20.07 10.98 -2.76
N GLN B 289 -19.39 11.44 -1.71
CA GLN B 289 -20.00 11.54 -0.38
C GLN B 289 -20.43 12.96 -0.05
N SER B 290 -20.43 13.85 -1.03
CA SER B 290 -20.70 15.25 -0.72
C SER B 290 -22.15 15.47 -0.33
N TRP B 291 -23.03 14.52 -0.61
CA TRP B 291 -24.43 14.59 -0.17
C TRP B 291 -24.56 14.56 1.34
N THR B 292 -23.56 14.06 2.07
CA THR B 292 -23.67 13.98 3.51
C THR B 292 -23.60 15.34 4.19
N GLY B 293 -23.08 16.36 3.51
CA GLY B 293 -22.91 17.65 4.16
C GLY B 293 -21.85 17.68 5.23
N THR B 294 -20.98 16.66 5.29
CA THR B 294 -19.88 16.59 6.23
C THR B 294 -18.62 16.26 5.47
N SER B 295 -17.48 16.55 6.09
CA SER B 295 -16.20 16.18 5.52
C SER B 295 -15.16 16.16 6.63
N PHE B 296 -14.15 15.30 6.47
CA PHE B 296 -13.00 15.37 7.34
C PHE B 296 -12.05 16.50 6.96
N LEU B 297 -12.37 17.26 5.92
CA LEU B 297 -11.52 18.32 5.42
C LEU B 297 -12.12 19.70 5.65
N PRO B 298 -11.30 20.75 5.64
CA PRO B 298 -11.84 22.12 5.71
C PRO B 298 -12.80 22.39 4.57
N LYS B 299 -13.71 23.34 4.80
CA LYS B 299 -14.70 23.67 3.78
C LYS B 299 -14.02 24.17 2.51
N GLY B 300 -14.51 23.74 1.36
CA GLY B 300 -13.99 24.22 0.10
C GLY B 300 -12.66 23.64 -0.29
N MET B 301 -12.21 22.56 0.35
CA MET B 301 -10.93 21.95 0.05
CA MET B 301 -10.92 21.95 0.08
C MET B 301 -11.12 20.51 -0.37
N THR B 302 -10.43 20.11 -1.47
CA THR B 302 -10.40 18.72 -1.86
C THR B 302 -9.23 18.03 -1.20
N PRO B 303 -9.21 16.69 -1.19
CA PRO B 303 -8.02 15.99 -0.69
C PRO B 303 -6.74 16.44 -1.36
N THR B 304 -6.76 16.67 -2.68
CA THR B 304 -5.58 17.19 -3.37
C THR B 304 -5.19 18.57 -2.84
N ASP B 305 -6.18 19.42 -2.50
CA ASP B 305 -5.84 20.73 -1.93
C ASP B 305 -5.11 20.56 -0.61
N VAL B 306 -5.57 19.62 0.23
CA VAL B 306 -4.95 19.43 1.53
C VAL B 306 -3.58 18.77 1.38
N TRP B 307 -3.45 17.85 0.42
CA TRP B 307 -2.13 17.32 0.10
C TRP B 307 -1.14 18.45 -0.17
N ARG B 308 -1.53 19.39 -1.05
CA ARG B 308 -0.62 20.42 -1.51
C ARG B 308 -0.26 21.42 -0.42
N LYS B 309 -1.20 21.72 0.47
CA LYS B 309 -0.92 22.66 1.56
C LYS B 309 -0.29 22.00 2.77
N ASN B 310 -0.63 20.74 3.07
CA ASN B 310 -0.33 20.15 4.38
C ASN B 310 0.61 18.96 4.38
N PHE B 311 1.00 18.43 3.22
CA PHE B 311 1.76 17.19 3.20
C PHE B 311 3.06 17.35 2.40
N LEU B 312 4.01 16.46 2.68
CA LEU B 312 5.24 16.35 1.92
C LEU B 312 5.56 14.88 1.73
N ALA B 313 5.71 14.45 0.47
CA ALA B 313 6.16 13.09 0.19
C ALA B 313 7.69 13.10 0.16
N CYS B 314 8.30 12.03 0.68
CA CYS B 314 9.73 11.98 0.94
C CYS B 314 10.29 10.69 0.34
N TYR B 315 11.35 10.78 -0.46
CA TYR B 315 11.87 9.58 -1.12
C TYR B 315 13.37 9.67 -1.36
N ILE B 316 14.00 8.48 -1.39
CA ILE B 316 15.44 8.33 -1.65
C ILE B 316 15.67 8.14 -3.13
N THR B 317 15.11 7.06 -3.68
CA THR B 317 15.22 6.76 -5.09
C THR B 317 13.91 6.10 -5.51
N GLU B 318 13.39 6.53 -6.64
CA GLU B 318 12.14 5.99 -7.17
C GLU B 318 12.01 6.49 -8.61
N PRO B 319 12.68 5.83 -9.55
CA PRO B 319 12.75 6.37 -10.92
C PRO B 319 11.41 6.70 -11.54
N SER B 320 10.34 6.01 -11.16
CA SER B 320 9.04 6.27 -11.78
C SER B 320 8.19 7.23 -10.96
N GLY B 321 8.67 7.63 -9.79
CA GLY B 321 7.83 8.40 -8.88
C GLY B 321 7.45 9.77 -9.42
N LEU B 322 8.31 10.37 -10.24
CA LEU B 322 8.04 11.73 -10.70
C LEU B 322 7.12 11.78 -11.91
N ASN B 323 6.63 10.63 -12.39
CA ASN B 323 5.69 10.61 -13.50
C ASN B 323 4.29 11.05 -13.10
N ASN B 324 4.03 11.27 -11.80
CA ASN B 324 2.78 11.90 -11.38
C ASN B 324 3.06 13.15 -10.55
N ARG B 325 4.20 13.80 -10.80
CA ARG B 325 4.54 14.98 -10.00
C ARG B 325 3.56 16.12 -10.22
N HIS B 326 3.00 16.22 -11.43
CA HIS B 326 2.05 17.29 -11.67
C HIS B 326 0.70 17.00 -11.03
N ARG B 327 0.16 15.79 -11.00
CA ARG B 327 -0.92 15.27 -10.16
C ARG B 327 -0.76 15.70 -8.71
N LEU B 328 0.36 15.39 -8.19
CA LEU B 328 0.57 15.70 -6.77
C LEU B 328 0.73 17.20 -6.56
N GLY B 329 1.43 17.86 -7.48
CA GLY B 329 2.00 19.17 -7.26
C GLY B 329 3.47 19.01 -6.97
N VAL B 330 4.34 19.49 -7.85
CA VAL B 330 5.76 19.23 -7.69
C VAL B 330 6.35 19.91 -6.46
N ASP B 331 5.62 20.86 -5.86
CA ASP B 331 6.04 21.47 -4.61
C ASP B 331 5.98 20.51 -3.43
N THR B 332 5.38 19.33 -3.58
CA THR B 332 5.12 18.44 -2.47
C THR B 332 6.06 17.23 -2.41
N ILE B 333 7.14 17.21 -3.19
CA ILE B 333 8.03 16.05 -3.26
C ILE B 333 9.43 16.44 -2.82
N ALA B 334 9.98 15.72 -1.84
CA ALA B 334 11.26 16.06 -1.22
C ALA B 334 12.19 14.86 -1.21
N TRP B 335 13.48 15.11 -1.46
CA TRP B 335 14.48 14.04 -1.49
C TRP B 335 15.03 13.77 -0.09
N GLU B 336 15.53 12.55 0.10
CA GLU B 336 16.19 12.20 1.35
C GLU B 336 17.28 11.18 1.07
N CYS B 337 18.31 11.20 1.91
CA CYS B 337 19.44 10.29 1.76
C CYS B 337 19.29 9.00 2.56
N ASP B 338 18.67 9.08 3.74
CA ASP B 338 18.47 7.95 4.65
C ASP B 338 19.80 7.32 5.09
N TYR B 339 20.84 8.14 5.17
CA TYR B 339 22.10 7.70 5.75
C TYR B 339 21.90 7.30 7.22
N PRO B 340 22.45 6.16 7.67
CA PRO B 340 23.33 5.19 7.02
C PRO B 340 22.60 3.87 6.79
N HIS B 341 21.30 3.94 6.51
CA HIS B 341 20.49 2.75 6.30
C HIS B 341 20.86 2.05 4.99
N SER B 342 20.52 0.76 4.94
CA SER B 342 20.72 -0.03 3.73
C SER B 342 20.10 0.61 2.50
N ASP B 343 19.00 1.34 2.64
CA ASP B 343 18.36 1.98 1.50
C ASP B 343 19.07 3.24 1.04
N SER B 344 20.05 3.74 1.78
CA SER B 344 20.68 4.99 1.39
C SER B 344 21.43 4.85 0.07
N THR B 345 21.49 5.94 -0.69
CA THR B 345 22.29 6.02 -1.90
C THR B 345 23.68 6.62 -1.68
N TRP B 346 24.05 6.91 -0.42
CA TRP B 346 25.41 7.34 -0.14
C TRP B 346 26.39 6.28 -0.65
N PRO B 347 27.57 6.68 -1.18
CA PRO B 347 28.15 8.01 -1.37
C PRO B 347 27.95 8.55 -2.77
N ARG B 348 26.96 8.05 -3.52
CA ARG B 348 26.66 8.56 -4.85
C ARG B 348 25.23 9.08 -4.95
N SER B 349 24.74 9.73 -3.90
CA SER B 349 23.41 10.30 -3.95
C SER B 349 23.22 11.29 -5.09
N PRO B 350 24.12 12.25 -5.33
CA PRO B 350 23.89 13.18 -6.46
C PRO B 350 23.77 12.46 -7.78
N GLU B 351 24.69 11.53 -8.07
CA GLU B 351 24.67 10.87 -9.36
C GLU B 351 23.41 10.04 -9.54
N THR B 352 23.03 9.29 -8.50
CA THR B 352 21.87 8.43 -8.61
C THR B 352 20.58 9.23 -8.79
N LEU B 353 20.41 10.30 -8.02
CA LEU B 353 19.19 11.10 -8.14
C LEU B 353 19.17 11.86 -9.48
N LYS B 354 20.30 12.44 -9.88
CA LYS B 354 20.32 13.23 -11.12
C LYS B 354 19.90 12.39 -12.32
N SER B 355 20.35 11.14 -12.37
CA SER B 355 19.94 10.26 -13.47
C SER B 355 18.43 10.09 -13.49
N GLU B 356 17.79 9.97 -12.32
CA GLU B 356 16.34 9.87 -12.27
C GLU B 356 15.69 11.18 -12.67
N LEU B 357 16.26 12.30 -12.20
CA LEU B 357 15.68 13.59 -12.51
C LEU B 357 15.75 13.88 -14.01
N ASP B 358 16.88 13.54 -14.63
CA ASP B 358 17.02 13.77 -16.06
C ASP B 358 16.05 12.90 -16.85
N ALA B 359 15.91 11.64 -16.46
CA ALA B 359 15.02 10.73 -17.18
C ALA B 359 13.58 11.18 -17.10
N ALA B 360 13.22 11.87 -16.02
CA ALA B 360 11.88 12.39 -15.84
C ALA B 360 11.73 13.78 -16.44
N ARG B 361 12.73 14.25 -17.19
CA ARG B 361 12.72 15.56 -17.86
C ARG B 361 12.41 16.70 -16.89
N CYS B 362 13.01 16.67 -15.71
CA CYS B 362 12.80 17.76 -14.78
C CYS B 362 13.50 19.03 -15.24
N THR B 363 12.79 20.15 -15.17
CA THR B 363 13.41 21.45 -15.34
C THR B 363 14.37 21.73 -14.20
N ASP B 364 15.28 22.67 -14.44
CA ASP B 364 16.15 23.15 -13.37
C ASP B 364 15.36 23.58 -12.13
N GLU B 365 14.23 24.25 -12.34
CA GLU B 365 13.43 24.68 -11.20
C GLU B 365 12.88 23.47 -10.45
N GLU B 366 12.44 22.45 -11.19
CA GLU B 366 11.93 21.23 -10.55
C GLU B 366 13.04 20.48 -9.83
N VAL B 367 14.23 20.41 -10.43
CA VAL B 367 15.40 19.86 -9.72
C VAL B 367 15.59 20.54 -8.37
N ASP B 368 15.66 21.88 -8.36
CA ASP B 368 15.89 22.61 -7.12
C ASP B 368 14.79 22.36 -6.11
N LYS B 369 13.54 22.27 -6.58
CA LYS B 369 12.43 22.01 -5.66
C LYS B 369 12.59 20.65 -4.97
N ILE B 370 12.89 19.61 -5.76
CA ILE B 370 12.93 18.25 -5.20
C ILE B 370 14.16 18.06 -4.31
N THR B 371 15.32 18.60 -4.71
CA THR B 371 16.54 18.32 -3.96
C THR B 371 16.68 19.16 -2.68
N PHE B 372 16.09 20.35 -2.61
CA PHE B 372 16.25 21.15 -1.39
C PHE B 372 15.14 22.15 -1.12
N ALA B 373 14.53 22.76 -2.14
CA ALA B 373 13.71 23.94 -1.86
C ALA B 373 12.34 23.58 -1.30
N ASN B 374 11.76 22.44 -1.67
CA ASN B 374 10.49 22.04 -1.08
C ASN B 374 10.66 21.75 0.40
N ALA B 375 11.71 20.99 0.74
CA ALA B 375 11.97 20.67 2.15
C ALA B 375 12.25 21.93 2.95
N ALA B 376 13.11 22.82 2.44
CA ALA B 376 13.47 24.02 3.18
C ALA B 376 12.24 24.87 3.49
N LYS B 377 11.33 25.00 2.54
CA LYS B 377 10.10 25.75 2.78
C LYS B 377 9.18 25.00 3.74
N PHE B 378 9.04 23.68 3.55
CA PHE B 378 8.12 22.92 4.37
C PHE B 378 8.55 22.93 5.84
N PHE B 379 9.84 22.78 6.09
CA PHE B 379 10.37 22.79 7.44
C PHE B 379 10.78 24.18 7.92
N ASP B 380 10.51 25.23 7.14
CA ASP B 380 10.83 26.61 7.52
C ASP B 380 12.27 26.74 7.95
N TRP B 381 13.17 26.27 7.08
CA TRP B 381 14.58 26.19 7.38
C TRP B 381 15.36 26.85 6.27
N ASP B 382 16.22 27.81 6.62
CA ASP B 382 16.96 28.59 5.64
C ASP B 382 18.25 27.84 5.32
N PRO B 383 18.39 27.24 4.14
CA PRO B 383 19.57 26.41 3.87
C PRO B 383 20.84 27.21 3.70
N PHE B 384 20.74 28.52 3.47
CA PHE B 384 21.93 29.33 3.19
C PHE B 384 22.20 30.37 4.26
N GLU B 385 21.68 30.18 5.48
CA GLU B 385 21.98 31.13 6.55
C GLU B 385 23.44 31.03 6.99
N HIS B 386 23.96 29.82 7.14
CA HIS B 386 25.34 29.66 7.59
C HIS B 386 26.30 29.31 6.46
N ILE B 387 25.78 28.85 5.32
CA ILE B 387 26.62 28.42 4.23
C ILE B 387 26.06 29.07 2.97
N PRO B 388 26.78 29.98 2.33
CA PRO B 388 26.29 30.59 1.10
C PRO B 388 26.06 29.54 0.03
N ARG B 389 25.08 29.81 -0.84
CA ARG B 389 24.68 28.79 -1.81
C ARG B 389 25.85 28.37 -2.69
N GLU B 390 26.70 29.33 -3.08
CA GLU B 390 27.85 29.00 -3.90
C GLU B 390 28.74 27.97 -3.22
N GLU B 391 28.78 27.95 -1.89
CA GLU B 391 29.58 27.00 -1.13
C GLU B 391 28.78 25.79 -0.69
N ALA B 392 27.50 25.69 -1.07
CA ALA B 392 26.59 24.67 -0.57
C ALA B 392 26.26 23.60 -1.60
N THR B 393 26.78 23.70 -2.82
CA THR B 393 26.46 22.76 -3.88
C THR B 393 27.16 21.42 -3.65
N VAL B 394 26.65 20.39 -4.36
CA VAL B 394 27.30 19.09 -4.40
C VAL B 394 28.79 19.23 -4.67
N GLY B 395 29.13 20.01 -5.70
CA GLY B 395 30.53 20.14 -6.07
C GLY B 395 31.35 20.87 -5.02
N ALA B 396 30.79 21.93 -4.44
CA ALA B 396 31.54 22.70 -3.45
C ALA B 396 31.76 21.90 -2.18
N LEU B 397 30.74 21.18 -1.71
CA LEU B 397 30.92 20.33 -0.53
C LEU B 397 31.90 19.20 -0.81
N ARG B 398 31.80 18.57 -1.97
CA ARG B 398 32.71 17.46 -2.26
C ARG B 398 34.16 17.94 -2.31
N ALA B 399 34.38 19.21 -2.68
CA ALA B 399 35.74 19.73 -2.67
C ALA B 399 36.31 19.81 -1.25
N ARG B 400 35.46 19.79 -0.22
CA ARG B 400 35.93 19.74 1.15
C ARG B 400 36.44 18.37 1.56
N ALA B 401 36.16 17.33 0.78
CA ALA B 401 36.28 15.96 1.26
C ALA B 401 37.04 15.07 0.29
N THR B 402 37.96 15.65 -0.50
CA THR B 402 38.69 14.83 -1.46
C THR B 402 39.58 13.80 -0.78
N ASP B 403 39.96 14.04 0.47
CA ASP B 403 40.78 13.13 1.26
C ASP B 403 39.97 12.11 2.05
N VAL B 404 38.65 12.11 1.92
CA VAL B 404 37.80 11.20 2.69
C VAL B 404 37.73 9.87 1.96
N ASP B 405 38.18 8.81 2.61
CA ASP B 405 38.13 7.47 2.03
C ASP B 405 36.70 6.96 2.07
N ILE B 406 36.14 6.66 0.90
CA ILE B 406 34.78 6.12 0.83
C ILE B 406 34.76 4.71 0.25
N SER B 407 35.89 4.01 0.23
CA SER B 407 35.92 2.67 -0.32
C SER B 407 35.24 1.69 0.64
N GLU B 408 34.82 0.54 0.08
CA GLU B 408 34.26 -0.54 0.88
C GLU B 408 35.21 -0.93 2.00
N THR B 409 34.67 -1.08 3.20
CA THR B 409 35.46 -1.39 4.38
C THR B 409 34.70 -2.36 5.25
N SER B 410 35.27 -3.53 5.50
CA SER B 410 34.54 -4.52 6.27
C SER B 410 34.36 -4.05 7.70
N LYS B 411 33.32 -4.58 8.35
CA LYS B 411 33.12 -4.24 9.76
C LYS B 411 34.26 -4.78 10.63
N GLU B 412 34.97 -5.82 10.17
CA GLU B 412 36.10 -6.31 10.93
C GLU B 412 37.26 -5.33 10.93
N GLU B 413 37.40 -4.56 9.86
CA GLU B 413 38.47 -3.56 9.82
C GLU B 413 38.11 -2.33 10.67
N TYR B 414 36.83 -1.92 10.68
CA TYR B 414 36.43 -0.88 11.63
C TYR B 414 36.67 -1.34 13.06
N ARG B 415 36.37 -2.61 13.34
CA ARG B 415 36.64 -3.14 14.66
C ARG B 415 38.12 -3.11 15.00
N ARG B 416 38.98 -3.50 14.05
CA ARG B 416 40.43 -3.44 14.30
C ARG B 416 40.86 -2.02 14.64
N ARG B 417 40.40 -1.05 13.87
CA ARG B 417 40.76 0.33 14.14
C ARG B 417 40.17 0.79 15.47
N TYR B 418 38.92 0.40 15.74
CA TYR B 418 38.24 0.81 16.96
C TYR B 418 38.97 0.29 18.18
N GLU B 419 39.39 -0.98 18.15
CA GLU B 419 40.00 -1.59 19.33
C GLU B 419 41.42 -1.10 19.57
N LEU B 420 42.16 -0.77 18.50
CA LEU B 420 43.42 -0.07 18.67
C LEU B 420 43.21 1.25 19.40
N THR B 421 42.21 2.01 18.96
CA THR B 421 41.94 3.32 19.54
C THR B 421 41.57 3.21 21.02
N HIS B 422 40.71 2.25 21.34
CA HIS B 422 40.28 2.06 22.71
C HIS B 422 41.03 0.89 23.37
C1 GOL C . -30.13 -13.51 -0.76
O1 GOL C . -31.06 -12.54 -0.43
C2 GOL C . -28.75 -12.85 -0.73
O2 GOL C . -28.49 -12.21 0.46
C3 GOL C . -27.74 -13.98 -0.99
O3 GOL C . -26.48 -13.38 -1.01
C1 GOL D . -6.04 -26.53 5.84
O1 GOL D . -7.11 -27.22 5.24
C2 GOL D . -4.79 -26.89 5.01
O2 GOL D . -5.09 -26.94 3.66
C3 GOL D . -4.33 -28.26 5.53
O3 GOL D . -3.04 -28.45 5.06
C1 GOL E . -25.79 -30.36 -13.96
O1 GOL E . -24.83 -30.42 -14.98
C2 GOL E . -25.09 -30.80 -12.64
O2 GOL E . -24.89 -29.74 -11.73
C3 GOL E . -25.96 -31.95 -12.10
O3 GOL E . -26.27 -31.66 -10.76
MN MN F . -14.55 -6.81 -7.68
MN MN G . -15.70 -4.01 -5.36
MG MG H . -0.57 -28.90 -22.43
C1 GOL I . 26.03 0.95 20.33
O1 GOL I . 26.80 -0.19 20.14
C2 GOL I . 24.55 0.59 20.16
O2 GOL I . 24.35 -0.30 19.12
C3 GOL I . 23.88 1.96 19.87
O3 GOL I . 22.62 1.75 19.32
C1 GOL J . 22.28 20.03 30.56
O1 GOL J . 21.57 18.92 30.99
C2 GOL J . 22.33 19.95 29.03
O2 GOL J . 21.31 19.10 28.49
C3 GOL J . 22.22 21.45 28.58
O3 GOL J . 22.28 21.49 27.18
C1 GOL K . 29.73 -9.58 -1.17
O1 GOL K . 29.58 -8.21 -0.82
C2 GOL K . 29.53 -9.78 -2.69
O2 GOL K . 30.29 -10.89 -3.10
C3 GOL K . 30.00 -8.45 -3.35
O3 GOL K . 29.23 -8.23 -4.50
C1 GOL L . 10.62 29.63 16.76
O1 GOL L . 10.84 29.30 18.09
C2 GOL L . 9.09 29.55 16.53
O2 GOL L . 8.32 29.71 17.72
C3 GOL L . 8.78 30.65 15.49
O3 GOL L . 8.42 29.98 14.32
MN MN M . 14.67 6.99 7.29
MN MN N . 15.51 3.50 6.12
#